data_6NMB
#
_entry.id   6NMB
#
_cell.length_a   73.043
_cell.length_b   65.446
_cell.length_c   111.136
_cell.angle_alpha   90.000
_cell.angle_beta   97.415
_cell.angle_gamma   90.000
#
_symmetry.space_group_name_H-M   'P 1 21 1'
#
loop_
_entity.id
_entity.type
_entity.pdbx_description
1 polymer 'Urokinase-type plasminogen activator'
2 non-polymer 'NITRATE ION'
3 non-polymer 'TRANS-4-AMINOMETHYLCYCLOHEXANE-1-CARBOXYLIC ACID'
4 water water
#
_entity_poly.entity_id   1
_entity_poly.type   'polypeptide(L)'
_entity_poly.pdbx_seq_one_letter_code
;HHHHHHENLYFQSLKFQCGQKTLRPRFKIIGGEFTTIENQPWFAAIYRRHRGGSVTYVCGGSLISPCWVISATHCFIDYP
KKEDYIVYLGRSRLNSNTQGEMKFEVENLILHKDYSADTLAHHNDIALLKIRSKEGRCAQPSRTIQTICLPSMYNDPQFG
TSCEITGFGKENSTDYLYPEQLKMTVVKLISHRECQQPHYYGSEVTTKMLCAADPQWKTDSCQGDSGGPLVCSLQGRMTL
TGIVSWGRGCALKDKPGVYTRVSHFLPWIRSHTKEENGLAL
;
_entity_poly.pdbx_strand_id   A,B,C,D
#
# COMPACT_ATOMS: atom_id res chain seq x y z
N PHE A 16 -9.01 -19.17 -8.81
CA PHE A 16 -10.39 -18.74 -9.08
C PHE A 16 -11.44 -19.72 -8.56
N GLN A 17 -12.40 -19.24 -7.76
CA GLN A 17 -13.58 -19.98 -7.30
C GLN A 17 -14.79 -19.13 -7.69
N CYS A 18 -15.46 -19.52 -8.77
CA CYS A 18 -16.55 -18.79 -9.42
C CYS A 18 -17.68 -18.38 -8.48
N GLY A 19 -18.29 -17.23 -8.79
CA GLY A 19 -19.44 -16.62 -8.12
C GLY A 19 -19.38 -16.54 -6.61
N GLN A 20 -18.22 -16.13 -6.08
CA GLN A 20 -17.98 -16.01 -4.65
C GLN A 20 -17.89 -14.56 -4.20
N ILE A 29 -27.98 1.94 -15.74
CA ILE A 29 -28.92 1.33 -14.81
C ILE A 29 -29.92 2.39 -14.30
N ILE A 30 -31.23 2.14 -14.44
CA ILE A 30 -32.28 3.05 -13.93
C ILE A 30 -32.43 2.63 -12.50
N GLY A 31 -32.49 3.59 -11.58
CA GLY A 31 -32.58 3.29 -10.16
C GLY A 31 -31.31 2.63 -9.67
N GLY A 32 -31.43 1.81 -8.63
CA GLY A 32 -30.27 1.13 -8.07
C GLY A 32 -29.30 2.03 -7.35
N GLU A 33 -28.01 1.63 -7.31
CA GLU A 33 -26.96 2.33 -6.57
C GLU A 33 -25.58 2.26 -7.22
N PHE A 34 -24.68 3.14 -6.78
CA PHE A 34 -23.30 3.06 -7.25
C PHE A 34 -22.62 1.90 -6.54
N THR A 35 -21.53 1.41 -7.14
CA THR A 35 -20.81 0.27 -6.57
C THR A 35 -19.35 0.30 -7.00
N THR A 36 -18.53 -0.52 -6.32
CA THR A 36 -17.14 -0.77 -6.66
C THR A 36 -17.11 -2.14 -7.37
N ILE A 37 -16.08 -2.40 -8.16
CA ILE A 37 -15.94 -3.67 -8.85
C ILE A 37 -15.81 -4.90 -7.85
N GLU A 38 -15.52 -4.68 -6.55
CA GLU A 38 -15.43 -5.75 -5.51
C GLU A 38 -16.75 -6.48 -5.36
N ASN A 39 -17.86 -5.76 -5.62
CA ASN A 39 -19.22 -6.29 -5.54
C ASN A 39 -19.65 -7.07 -6.80
N GLN A 40 -19.00 -6.81 -7.95
CA GLN A 40 -19.28 -7.51 -9.22
C GLN A 40 -17.91 -7.85 -9.86
N PRO A 41 -17.03 -8.66 -9.18
CA PRO A 41 -15.64 -8.83 -9.68
C PRO A 41 -15.48 -9.56 -11.02
N TRP A 42 -16.59 -10.10 -11.51
CA TRP A 42 -16.71 -10.76 -12.80
C TRP A 42 -17.04 -9.77 -13.92
N PHE A 43 -17.38 -8.50 -13.58
CA PHE A 43 -17.77 -7.50 -14.58
C PHE A 43 -16.63 -7.03 -15.49
N ALA A 44 -16.88 -7.11 -16.81
CA ALA A 44 -15.99 -6.69 -17.88
C ALA A 44 -16.58 -5.49 -18.55
N ALA A 45 -15.75 -4.44 -18.72
CA ALA A 45 -16.11 -3.18 -19.38
C ALA A 45 -15.47 -3.23 -20.76
N ILE A 46 -16.30 -3.30 -21.81
CA ILE A 46 -15.84 -3.43 -23.19
C ILE A 46 -15.91 -2.08 -23.91
N TYR A 47 -14.80 -1.69 -24.56
CA TYR A 47 -14.58 -0.43 -25.29
C TYR A 47 -14.14 -0.76 -26.73
N ARG A 48 -14.44 0.16 -27.69
CA ARG A 48 -14.06 0.10 -29.11
C ARG A 48 -13.12 1.27 -29.38
N ARG A 49 -12.01 1.03 -30.13
CA ARG A 49 -11.01 2.05 -30.43
C ARG A 49 -11.37 2.95 -31.63
N HIS A 50 -12.40 2.58 -32.44
CA HIS A 50 -12.89 3.35 -33.61
C HIS A 50 -11.93 3.35 -34.82
N ARG A 51 -12.07 4.38 -35.69
CA ARG A 51 -11.28 4.61 -36.89
C ARG A 51 -10.51 5.95 -36.79
N GLY A 52 -10.79 6.71 -35.74
CA GLY A 52 -10.17 8.02 -35.50
C GLY A 52 -9.25 8.10 -34.31
N GLY A 53 -8.92 6.95 -33.71
CA GLY A 53 -8.03 6.83 -32.56
C GLY A 53 -8.68 7.00 -31.19
N SER A 54 -9.90 7.56 -31.14
CA SER A 54 -10.65 7.79 -29.91
C SER A 54 -11.29 6.48 -29.43
N VAL A 55 -11.35 6.26 -28.10
CA VAL A 55 -11.93 5.05 -27.50
C VAL A 55 -13.24 5.37 -26.73
N THR A 56 -14.33 4.64 -27.01
CA THR A 56 -15.63 4.82 -26.34
C THR A 56 -16.19 3.50 -25.73
N TYR A 57 -17.10 3.59 -24.73
CA TYR A 57 -17.71 2.40 -24.09
C TYR A 57 -18.70 1.77 -25.04
N VAL A 58 -18.51 0.46 -25.30
CA VAL A 58 -19.36 -0.34 -26.16
C VAL A 58 -20.43 -1.01 -25.26
N CYS A 59 -20.02 -1.88 -24.31
CA CYS A 59 -20.96 -2.53 -23.40
C CYS A 59 -20.28 -3.43 -22.35
N GLY A 60 -21.12 -4.11 -21.56
CA GLY A 60 -20.67 -5.02 -20.51
C GLY A 60 -20.31 -6.42 -20.99
N GLY A 61 -19.94 -7.24 -20.01
CA GLY A 61 -19.51 -8.61 -20.19
C GLY A 61 -19.20 -9.22 -18.85
N SER A 62 -19.01 -10.54 -18.80
CA SER A 62 -18.72 -11.28 -17.58
C SER A 62 -17.55 -12.22 -17.80
N LEU A 63 -16.65 -12.35 -16.82
CA LEU A 63 -15.52 -13.27 -16.93
C LEU A 63 -16.00 -14.68 -16.53
N ILE A 64 -16.00 -15.63 -17.49
CA ILE A 64 -16.50 -16.98 -17.21
C ILE A 64 -15.36 -18.00 -16.98
N SER A 65 -14.14 -17.67 -17.42
CA SER A 65 -12.96 -18.51 -17.20
C SER A 65 -11.76 -17.59 -17.35
N PRO A 66 -10.50 -17.95 -17.02
CA PRO A 66 -9.39 -16.96 -17.14
C PRO A 66 -9.21 -16.30 -18.52
N CYS A 67 -9.49 -17.02 -19.61
CA CYS A 67 -9.31 -16.50 -20.97
C CYS A 67 -10.61 -16.07 -21.66
N TRP A 68 -11.78 -16.23 -21.02
CA TRP A 68 -13.03 -15.92 -21.71
C TRP A 68 -13.98 -15.00 -21.00
N VAL A 69 -14.45 -14.00 -21.71
CA VAL A 69 -15.46 -13.02 -21.30
C VAL A 69 -16.65 -13.28 -22.21
N ILE A 70 -17.85 -13.24 -21.65
CA ILE A 70 -19.10 -13.49 -22.37
C ILE A 70 -19.94 -12.22 -22.38
N SER A 71 -20.50 -11.89 -23.55
CA SER A 71 -21.34 -10.70 -23.73
C SER A 71 -22.45 -11.00 -24.77
N ALA A 72 -23.03 -9.95 -25.41
CA ALA A 72 -24.12 -10.05 -26.39
C ALA A 72 -23.58 -9.70 -27.78
N THR A 73 -24.01 -10.46 -28.80
CA THR A 73 -23.58 -10.25 -30.20
C THR A 73 -23.92 -8.85 -30.70
N HIS A 74 -25.11 -8.31 -30.31
CA HIS A 74 -25.60 -6.99 -30.76
C HIS A 74 -24.63 -5.83 -30.48
N CYS A 75 -23.71 -6.06 -29.55
CA CYS A 75 -22.66 -5.13 -29.11
C CYS A 75 -21.55 -5.05 -30.18
N PHE A 76 -21.41 -6.03 -31.01
CA PHE A 76 -20.32 -6.13 -31.97
C PHE A 76 -20.77 -6.34 -33.40
N ILE A 77 -22.08 -6.58 -33.62
CA ILE A 77 -22.59 -6.89 -34.95
C ILE A 77 -22.25 -5.78 -36.01
N ASP A 78 -22.11 -4.49 -35.61
CA ASP A 78 -21.75 -3.40 -36.53
C ASP A 78 -20.21 -3.20 -36.73
N TYR A 79 -19.36 -3.71 -35.81
CA TYR A 79 -17.90 -3.62 -35.90
C TYR A 79 -17.34 -4.99 -35.47
N PRO A 80 -17.35 -6.05 -36.32
CA PRO A 80 -16.93 -7.37 -35.85
C PRO A 80 -15.43 -7.67 -35.91
N LYS A 81 -14.59 -6.65 -36.16
CA LYS A 81 -13.13 -6.80 -36.21
C LYS A 81 -12.54 -6.79 -34.79
N LYS A 82 -12.08 -7.97 -34.33
CA LYS A 82 -11.51 -8.21 -32.99
C LYS A 82 -10.47 -7.15 -32.57
N GLU A 83 -9.55 -6.81 -33.49
CA GLU A 83 -8.46 -5.86 -33.32
C GLU A 83 -8.90 -4.50 -32.76
N ASP A 84 -10.18 -4.14 -32.95
CA ASP A 84 -10.75 -2.86 -32.55
C ASP A 84 -11.25 -2.76 -31.11
N TYR A 85 -11.30 -3.89 -30.35
CA TYR A 85 -11.83 -3.86 -28.98
C TYR A 85 -10.81 -3.99 -27.84
N ILE A 86 -11.12 -3.28 -26.74
CA ILE A 86 -10.35 -3.25 -25.49
C ILE A 86 -11.29 -3.71 -24.36
N VAL A 87 -10.80 -4.70 -23.56
CA VAL A 87 -11.51 -5.25 -22.40
C VAL A 87 -10.78 -4.90 -21.07
N TYR A 88 -11.54 -4.47 -20.08
CA TYR A 88 -10.98 -4.20 -18.77
C TYR A 88 -11.68 -5.06 -17.73
N LEU A 89 -10.91 -5.52 -16.74
CA LEU A 89 -11.38 -6.22 -15.56
C LEU A 89 -10.89 -5.41 -14.35
N GLY A 90 -11.67 -5.45 -13.26
CA GLY A 90 -11.36 -4.70 -12.05
C GLY A 90 -11.52 -3.20 -12.24
N ARG A 91 -12.47 -2.79 -13.10
CA ARG A 91 -12.78 -1.38 -13.40
C ARG A 91 -14.17 -0.95 -12.90
N SER A 92 -14.22 0.00 -11.94
CA SER A 92 -15.43 0.59 -11.32
C SER A 92 -15.76 1.99 -11.92
N ARG A 93 -14.79 2.60 -12.67
CA ARG A 93 -14.94 3.92 -13.29
C ARG A 93 -14.89 3.88 -14.82
N LEU A 94 -15.72 4.70 -15.48
CA LEU A 94 -15.84 4.67 -16.93
C LEU A 94 -14.66 5.23 -17.69
N ASN A 95 -14.25 6.48 -17.40
CA ASN A 95 -13.17 7.13 -18.16
C ASN A 95 -11.93 7.48 -17.31
N SER A 96 -11.74 6.76 -16.19
CA SER A 96 -10.60 6.91 -15.29
C SER A 96 -10.05 5.54 -14.82
N ASN A 97 -8.85 5.53 -14.25
CA ASN A 97 -8.19 4.30 -13.80
C ASN A 97 -8.56 3.95 -12.37
N THR A 98 -8.70 2.65 -12.11
CA THR A 98 -9.01 2.11 -10.78
C THR A 98 -7.90 1.13 -10.39
N GLN A 99 -7.34 1.31 -9.18
CA GLN A 99 -6.23 0.50 -8.65
C GLN A 99 -6.53 -1.01 -8.74
N GLY A 100 -5.67 -1.75 -9.46
CA GLY A 100 -5.80 -3.19 -9.65
C GLY A 100 -6.49 -3.64 -10.92
N GLU A 101 -6.85 -2.68 -11.81
CA GLU A 101 -7.51 -2.99 -13.08
C GLU A 101 -6.53 -3.66 -14.06
N MET A 102 -7.06 -4.58 -14.87
CA MET A 102 -6.29 -5.31 -15.87
C MET A 102 -6.92 -5.11 -17.24
N LYS A 103 -6.08 -4.69 -18.21
CA LYS A 103 -6.45 -4.37 -19.59
C LYS A 103 -6.10 -5.55 -20.50
N PHE A 104 -6.95 -5.82 -21.52
CA PHE A 104 -6.79 -6.93 -22.44
C PHE A 104 -7.19 -6.60 -23.87
N GLU A 105 -6.60 -7.34 -24.81
CA GLU A 105 -6.86 -7.35 -26.24
C GLU A 105 -7.78 -8.54 -26.48
N VAL A 106 -8.64 -8.47 -27.50
CA VAL A 106 -9.60 -9.52 -27.84
C VAL A 106 -8.93 -10.40 -28.87
N GLU A 107 -8.38 -11.54 -28.41
CA GLU A 107 -7.66 -12.56 -29.17
C GLU A 107 -8.55 -13.25 -30.21
N ASN A 108 -9.87 -13.36 -29.91
CA ASN A 108 -10.86 -14.00 -30.77
C ASN A 108 -12.29 -13.52 -30.42
N LEU A 109 -13.02 -12.98 -31.40
CA LEU A 109 -14.37 -12.49 -31.20
C LEU A 109 -15.37 -13.41 -31.88
N ILE A 110 -16.10 -14.18 -31.06
CA ILE A 110 -17.08 -15.17 -31.51
C ILE A 110 -18.47 -14.64 -31.30
N LEU A 111 -19.20 -14.44 -32.39
CA LEU A 111 -20.60 -13.99 -32.40
C LEU A 111 -21.43 -15.18 -32.79
N HIS A 112 -22.66 -15.24 -32.28
CA HIS A 112 -23.52 -16.41 -32.58
C HIS A 112 -24.06 -16.25 -34.00
N LYS A 113 -23.61 -17.12 -34.88
CA LYS A 113 -24.04 -17.19 -36.28
C LYS A 113 -25.60 -17.15 -36.46
N ASP A 114 -26.38 -17.58 -35.44
CA ASP A 114 -27.84 -17.59 -35.55
C ASP A 114 -28.50 -16.33 -34.96
N TYR A 115 -27.66 -15.32 -34.58
CA TYR A 115 -28.10 -14.01 -34.11
C TYR A 115 -29.03 -13.41 -35.15
N SER A 116 -30.05 -12.72 -34.67
CA SER A 116 -31.05 -12.10 -35.49
C SER A 116 -31.66 -11.01 -34.67
N ALA A 117 -32.11 -9.95 -35.31
CA ALA A 117 -32.74 -8.81 -34.64
C ALA A 117 -33.59 -8.08 -35.67
N ASP A 118 -34.21 -8.88 -36.54
CA ASP A 118 -35.07 -8.40 -37.59
C ASP A 118 -36.26 -7.68 -37.02
N THR A 119 -36.80 -8.22 -35.95
CA THR A 119 -37.94 -7.61 -35.21
C THR A 119 -37.40 -6.97 -33.93
N LEU A 120 -38.26 -6.73 -32.94
CA LEU A 120 -37.89 -6.12 -31.62
C LEU A 120 -36.94 -7.01 -30.83
N ALA A 121 -37.19 -8.29 -30.78
CA ALA A 121 -36.39 -9.25 -30.01
C ALA A 121 -35.05 -9.52 -30.67
N HIS A 122 -33.99 -9.70 -29.89
CA HIS A 122 -32.69 -10.15 -30.47
C HIS A 122 -32.56 -11.63 -30.11
N HIS A 123 -32.44 -12.48 -31.11
CA HIS A 123 -32.35 -13.95 -30.94
C HIS A 123 -30.87 -14.37 -30.85
N ASN A 124 -30.58 -15.38 -30.04
CA ASN A 124 -29.23 -15.93 -29.82
C ASN A 124 -28.24 -14.81 -29.62
N ASP A 125 -28.59 -13.88 -28.73
CA ASP A 125 -27.82 -12.69 -28.47
C ASP A 125 -26.79 -12.95 -27.40
N ILE A 126 -25.71 -13.61 -27.82
CA ILE A 126 -24.62 -14.04 -26.95
C ILE A 126 -23.33 -13.98 -27.76
N ALA A 127 -22.23 -13.61 -27.13
CA ALA A 127 -20.94 -13.45 -27.80
C ALA A 127 -19.83 -13.93 -26.87
N LEU A 128 -18.71 -14.42 -27.41
CA LEU A 128 -17.56 -14.87 -26.61
C LEU A 128 -16.33 -14.07 -27.01
N LEU A 129 -15.55 -13.64 -26.03
CA LEU A 129 -14.33 -12.85 -26.30
C LEU A 129 -13.15 -13.54 -25.67
N LYS A 130 -12.19 -14.01 -26.44
CA LYS A 130 -11.00 -14.60 -25.78
C LYS A 130 -10.11 -13.42 -25.39
N ILE A 131 -9.62 -13.37 -24.16
CA ILE A 131 -8.82 -12.19 -23.72
C ILE A 131 -7.35 -12.55 -23.50
N ARG A 132 -6.48 -11.66 -23.97
CA ARG A 132 -5.05 -11.81 -23.88
C ARG A 132 -4.39 -10.43 -23.65
N SER A 133 -3.79 -10.21 -22.47
CA SER A 133 -3.08 -8.97 -22.14
C SER A 133 -1.77 -8.83 -22.96
N LYS A 134 -1.23 -7.59 -23.09
CA LYS A 134 0.04 -7.30 -23.81
C LYS A 134 1.20 -8.18 -23.31
N GLU A 135 1.07 -8.65 -22.04
CA GLU A 135 1.97 -9.56 -21.32
C GLU A 135 1.62 -11.04 -21.62
N GLY A 136 0.81 -11.25 -22.65
CA GLY A 136 0.39 -12.57 -23.12
C GLY A 136 -0.38 -13.41 -22.13
N ARG A 137 -0.83 -12.82 -21.03
CA ARG A 137 -1.56 -13.53 -19.99
C ARG A 137 -3.09 -13.37 -20.05
N CYS A 138 -3.79 -14.36 -19.46
CA CYS A 138 -5.23 -14.35 -19.27
C CYS A 138 -5.50 -13.74 -17.90
N ALA A 139 -6.79 -13.51 -17.55
CA ALA A 139 -7.19 -12.93 -16.29
C ALA A 139 -6.64 -13.74 -15.10
N GLN A 140 -6.23 -13.03 -14.03
CA GLN A 140 -5.70 -13.66 -12.81
C GLN A 140 -6.60 -13.25 -11.63
N PRO A 141 -6.92 -14.18 -10.69
CA PRO A 141 -7.80 -13.78 -9.56
C PRO A 141 -7.14 -12.79 -8.60
N SER A 142 -7.98 -11.88 -8.09
CA SER A 142 -7.65 -10.83 -7.13
C SER A 142 -8.95 -10.47 -6.44
N ARG A 143 -8.93 -9.49 -5.51
CA ARG A 143 -10.14 -9.05 -4.82
C ARG A 143 -11.14 -8.31 -5.76
N THR A 144 -10.68 -7.87 -6.95
CA THR A 144 -11.43 -7.10 -7.94
C THR A 144 -11.74 -7.87 -9.23
N ILE A 145 -11.01 -8.97 -9.47
CA ILE A 145 -11.16 -9.83 -10.64
C ILE A 145 -11.52 -11.26 -10.17
N GLN A 146 -12.72 -11.70 -10.54
CA GLN A 146 -13.21 -13.05 -10.17
C GLN A 146 -14.09 -13.59 -11.30
N THR A 147 -14.32 -14.90 -11.33
CA THR A 147 -15.16 -15.51 -12.37
C THR A 147 -16.61 -15.57 -11.91
N ILE A 148 -17.54 -15.65 -12.85
CA ILE A 148 -18.97 -15.84 -12.56
C ILE A 148 -19.26 -17.29 -12.92
N CYS A 149 -20.03 -18.01 -12.08
CA CYS A 149 -20.40 -19.41 -12.32
C CYS A 149 -21.39 -19.45 -13.47
N LEU A 150 -21.14 -20.36 -14.39
CA LEU A 150 -22.05 -20.62 -15.48
C LEU A 150 -23.13 -21.52 -14.87
N PRO A 151 -24.41 -21.44 -15.30
CA PRO A 151 -25.42 -22.38 -14.76
C PRO A 151 -25.18 -23.80 -15.27
N SER A 152 -25.81 -24.79 -14.62
CA SER A 152 -25.79 -26.17 -15.12
C SER A 152 -26.97 -26.18 -16.11
N MET A 153 -26.95 -27.12 -17.06
CA MET A 153 -27.93 -27.19 -18.14
C MET A 153 -29.36 -27.05 -17.69
N TYR A 154 -30.04 -26.00 -18.18
CA TYR A 154 -31.47 -25.70 -17.96
C TYR A 154 -31.86 -25.35 -16.50
N ASN A 155 -30.88 -25.14 -15.62
CA ASN A 155 -31.14 -24.86 -14.21
C ASN A 155 -31.10 -23.37 -13.93
N ASP A 156 -32.31 -22.81 -13.79
CA ASP A 156 -32.56 -21.40 -13.53
C ASP A 156 -33.18 -21.16 -12.16
N PRO A 157 -33.09 -19.95 -11.57
CA PRO A 157 -33.78 -19.70 -10.30
C PRO A 157 -35.29 -19.68 -10.54
N GLN A 158 -36.09 -19.77 -9.48
CA GLN A 158 -37.55 -19.77 -9.58
C GLN A 158 -38.06 -18.41 -9.99
N PHE A 159 -39.19 -18.38 -10.71
CA PHE A 159 -39.80 -17.12 -11.10
C PHE A 159 -40.15 -16.32 -9.83
N GLY A 160 -39.81 -15.03 -9.82
CA GLY A 160 -39.99 -14.14 -8.68
C GLY A 160 -38.73 -13.97 -7.85
N THR A 161 -37.61 -14.65 -8.25
CA THR A 161 -36.32 -14.53 -7.56
C THR A 161 -35.71 -13.16 -7.91
N SER A 162 -35.07 -12.53 -6.92
CA SER A 162 -34.32 -11.29 -7.03
C SER A 162 -32.92 -11.66 -7.53
N CYS A 163 -32.47 -11.01 -8.62
CA CYS A 163 -31.15 -11.20 -9.20
C CYS A 163 -30.56 -9.81 -9.38
N GLU A 164 -29.23 -9.73 -9.53
CA GLU A 164 -28.62 -8.43 -9.69
C GLU A 164 -28.21 -8.16 -11.13
N ILE A 165 -28.27 -6.88 -11.55
CA ILE A 165 -27.81 -6.39 -12.84
C ILE A 165 -26.76 -5.30 -12.57
N THR A 166 -25.79 -5.14 -13.47
CA THR A 166 -24.67 -4.19 -13.34
C THR A 166 -24.34 -3.54 -14.67
N GLY A 167 -23.89 -2.27 -14.64
CA GLY A 167 -23.47 -1.58 -15.84
C GLY A 167 -23.11 -0.11 -15.71
N PHE A 168 -22.62 0.46 -16.82
CA PHE A 168 -22.28 1.87 -17.00
C PHE A 168 -23.37 2.53 -17.81
N GLY A 169 -24.48 1.83 -18.00
CA GLY A 169 -25.61 2.33 -18.78
C GLY A 169 -26.28 3.55 -18.18
N LYS A 170 -27.09 4.22 -19.00
CA LYS A 170 -27.81 5.43 -18.64
C LYS A 170 -28.66 5.31 -17.37
N GLU A 171 -28.80 6.42 -16.60
CA GLU A 171 -29.53 6.45 -15.31
C GLU A 171 -31.00 6.76 -15.47
N ASN A 172 -31.33 7.28 -16.64
CA ASN A 172 -32.65 7.65 -17.12
C ASN A 172 -32.53 7.61 -18.67
N SER A 173 -33.48 6.98 -19.35
CA SER A 173 -33.44 6.81 -20.81
C SER A 173 -33.24 8.10 -21.61
N THR A 174 -33.69 9.25 -21.07
CA THR A 174 -33.58 10.55 -21.72
C THR A 174 -32.20 11.18 -21.56
N ASP A 175 -31.34 10.64 -20.68
CA ASP A 175 -30.01 11.17 -20.42
C ASP A 175 -29.09 11.14 -21.62
N TYR A 176 -28.19 12.13 -21.75
CA TYR A 176 -27.26 12.18 -22.86
C TYR A 176 -26.00 11.43 -22.49
N LEU A 177 -25.56 11.62 -21.26
CA LEU A 177 -24.31 11.04 -20.78
C LEU A 177 -24.50 9.74 -20.01
N TYR A 178 -23.38 9.07 -19.80
CA TYR A 178 -23.31 7.82 -19.10
C TYR A 178 -22.72 8.12 -17.73
N PRO A 179 -23.17 7.44 -16.64
CA PRO A 179 -22.57 7.72 -15.34
C PRO A 179 -21.09 7.31 -15.35
N GLU A 180 -20.30 8.02 -14.56
CA GLU A 180 -18.88 7.75 -14.53
C GLU A 180 -18.53 6.57 -13.61
N GLN A 181 -19.42 6.25 -12.66
CA GLN A 181 -19.23 5.17 -11.71
C GLN A 181 -20.18 4.01 -11.97
N LEU A 182 -19.65 2.77 -11.83
CA LEU A 182 -20.39 1.52 -12.01
C LEU A 182 -21.61 1.48 -11.09
N LYS A 183 -22.73 0.94 -11.60
CA LYS A 183 -24.01 0.86 -10.88
C LYS A 183 -24.56 -0.55 -10.85
N MET A 184 -25.40 -0.82 -9.89
CA MET A 184 -26.05 -2.11 -9.78
C MET A 184 -27.43 -1.90 -9.20
N THR A 185 -28.32 -2.85 -9.48
CA THR A 185 -29.67 -2.88 -8.92
C THR A 185 -30.15 -4.33 -8.87
N VAL A 186 -31.34 -4.53 -8.31
CA VAL A 186 -32.01 -5.81 -8.15
C VAL A 186 -33.29 -5.76 -8.99
N VAL A 187 -33.56 -6.88 -9.72
CA VAL A 187 -34.71 -7.11 -10.60
C VAL A 187 -35.20 -8.50 -10.28
N LYS A 188 -36.44 -8.79 -10.60
CA LYS A 188 -37.01 -10.10 -10.32
C LYS A 188 -37.35 -10.84 -11.59
N LEU A 189 -37.03 -12.16 -11.64
CA LEU A 189 -37.36 -13.00 -12.78
C LEU A 189 -38.89 -13.09 -12.94
N ILE A 190 -39.31 -12.92 -14.19
CA ILE A 190 -40.69 -12.96 -14.63
C ILE A 190 -40.79 -14.18 -15.53
N SER A 191 -41.89 -14.92 -15.38
CA SER A 191 -42.18 -16.15 -16.13
C SER A 191 -42.41 -15.86 -17.59
N HIS A 192 -42.27 -16.88 -18.42
CA HIS A 192 -42.59 -16.75 -19.81
C HIS A 192 -44.06 -16.42 -19.97
N ARG A 193 -44.99 -17.09 -19.23
CA ARG A 193 -46.44 -16.85 -19.24
C ARG A 193 -46.75 -15.35 -19.17
N GLU A 194 -46.18 -14.67 -18.15
CA GLU A 194 -46.33 -13.24 -17.91
C GLU A 194 -45.68 -12.43 -19.02
N CYS A 195 -44.41 -12.72 -19.38
CA CYS A 195 -43.69 -11.97 -20.41
C CYS A 195 -44.26 -12.16 -21.82
N GLN A 196 -44.85 -13.32 -22.12
CA GLN A 196 -45.44 -13.61 -23.44
C GLN A 196 -46.86 -13.10 -23.53
N GLN A 197 -47.31 -12.30 -22.53
CA GLN A 197 -48.62 -11.67 -22.59
C GLN A 197 -48.57 -10.62 -23.71
N PRO A 198 -49.72 -10.27 -24.34
CA PRO A 198 -49.67 -9.34 -25.48
C PRO A 198 -49.35 -7.90 -25.11
N HIS A 199 -49.77 -7.45 -23.92
CA HIS A 199 -49.43 -6.07 -23.49
C HIS A 199 -47.97 -5.97 -23.02
N TYR A 200 -47.31 -7.12 -22.85
CA TYR A 200 -45.89 -7.20 -22.50
C TYR A 200 -45.17 -7.33 -23.84
N TYR A 201 -44.53 -8.49 -24.14
CA TYR A 201 -43.81 -8.61 -25.42
C TYR A 201 -44.43 -9.58 -26.39
N GLY A 202 -45.42 -10.33 -25.94
CA GLY A 202 -46.11 -11.30 -26.76
C GLY A 202 -45.17 -12.42 -27.17
N SER A 203 -45.30 -12.87 -28.42
CA SER A 203 -44.52 -13.96 -29.02
C SER A 203 -43.06 -13.58 -29.29
N GLU A 204 -42.68 -12.30 -29.01
CA GLU A 204 -41.31 -11.80 -29.19
C GLU A 204 -40.33 -12.49 -28.27
N VAL A 205 -40.77 -12.82 -27.03
CA VAL A 205 -39.88 -13.53 -26.10
C VAL A 205 -40.01 -15.04 -26.33
N THR A 206 -38.87 -15.68 -26.61
CA THR A 206 -38.74 -17.11 -26.85
C THR A 206 -38.32 -17.80 -25.52
N THR A 207 -38.24 -19.13 -25.53
CA THR A 207 -37.82 -19.95 -24.39
C THR A 207 -36.31 -19.81 -24.10
N LYS A 208 -35.51 -19.37 -25.10
CA LYS A 208 -34.06 -19.15 -24.92
C LYS A 208 -33.79 -17.70 -24.41
N MET A 209 -34.82 -17.03 -23.89
CA MET A 209 -34.75 -15.68 -23.32
C MET A 209 -35.33 -15.67 -21.90
N LEU A 210 -34.90 -14.71 -21.06
CA LEU A 210 -35.44 -14.54 -19.70
C LEU A 210 -35.82 -13.08 -19.48
N CYS A 211 -37.02 -12.89 -18.99
CA CYS A 211 -37.55 -11.54 -18.71
C CYS A 211 -37.29 -11.18 -17.24
N ALA A 212 -36.98 -9.94 -16.90
CA ALA A 212 -36.82 -9.51 -15.52
C ALA A 212 -37.11 -8.05 -15.36
N ALA A 213 -37.69 -7.69 -14.21
CA ALA A 213 -38.12 -6.33 -13.92
C ALA A 213 -38.34 -6.10 -12.47
N ASP A 214 -38.43 -4.83 -12.07
CA ASP A 214 -38.79 -4.36 -10.74
C ASP A 214 -40.31 -4.43 -10.70
N PRO A 215 -40.91 -5.03 -9.65
CA PRO A 215 -42.39 -5.14 -9.63
C PRO A 215 -43.15 -3.81 -9.82
N GLN A 216 -42.58 -2.67 -9.38
CA GLN A 216 -43.27 -1.39 -9.57
C GLN A 216 -42.60 -0.54 -10.67
N TRP A 217 -41.90 -1.20 -11.63
CA TRP A 217 -41.26 -0.63 -12.84
C TRP A 217 -40.34 0.56 -12.56
N LYS A 218 -39.75 0.63 -11.35
CA LYS A 218 -38.92 1.77 -10.99
C LYS A 218 -37.39 1.57 -11.22
N THR A 219 -36.94 0.33 -11.43
CA THR A 219 -35.51 0.05 -11.64
C THR A 219 -35.40 -0.97 -12.79
N ASP A 220 -34.25 -0.90 -13.56
CA ASP A 220 -34.02 -1.70 -14.77
C ASP A 220 -32.66 -1.41 -15.40
N SER A 221 -32.26 -2.23 -16.39
CA SER A 221 -31.04 -1.96 -17.15
C SER A 221 -31.47 -1.02 -18.27
N CYS A 222 -30.54 -0.22 -18.78
CA CYS A 222 -30.84 0.73 -19.84
C CYS A 222 -29.78 0.68 -20.92
N GLN A 223 -29.81 1.65 -21.86
CA GLN A 223 -28.86 1.77 -22.97
C GLN A 223 -27.43 1.87 -22.42
N GLY A 224 -26.56 0.99 -22.92
CA GLY A 224 -25.17 0.90 -22.46
C GLY A 224 -24.94 -0.19 -21.43
N ASP A 225 -26.04 -0.84 -20.93
CA ASP A 225 -25.95 -1.98 -20.01
C ASP A 225 -25.99 -3.31 -20.77
N SER A 226 -26.10 -3.25 -22.09
CA SER A 226 -26.10 -4.40 -23.02
C SER A 226 -24.85 -5.23 -22.79
N GLY A 227 -24.98 -6.55 -22.91
CA GLY A 227 -23.87 -7.48 -22.66
C GLY A 227 -23.56 -7.79 -21.20
N GLY A 228 -24.02 -6.93 -20.30
CA GLY A 228 -23.77 -7.13 -18.88
C GLY A 228 -24.53 -8.33 -18.31
N PRO A 229 -24.23 -8.76 -17.06
CA PRO A 229 -24.89 -9.97 -16.52
C PRO A 229 -26.15 -9.79 -15.65
N LEU A 230 -26.99 -10.84 -15.62
CA LEU A 230 -28.11 -10.97 -14.73
C LEU A 230 -27.58 -12.04 -13.79
N VAL A 231 -27.16 -11.64 -12.59
CA VAL A 231 -26.50 -12.53 -11.62
C VAL A 231 -27.46 -13.04 -10.54
N CYS A 232 -27.64 -14.36 -10.46
CA CYS A 232 -28.52 -15.00 -9.49
C CYS A 232 -27.79 -15.91 -8.56
N SER A 233 -28.27 -16.05 -7.35
CA SER A 233 -27.66 -16.94 -6.38
C SER A 233 -28.42 -18.25 -6.40
N LEU A 234 -27.73 -19.31 -6.77
CA LEU A 234 -28.30 -20.66 -6.75
C LEU A 234 -27.27 -21.58 -6.16
N GLN A 235 -27.69 -22.32 -5.14
CA GLN A 235 -26.90 -23.21 -4.28
C GLN A 235 -25.64 -22.49 -3.75
N GLY A 236 -25.80 -21.25 -3.31
CA GLY A 236 -24.71 -20.43 -2.77
C GLY A 236 -23.68 -20.05 -3.82
N ARG A 237 -24.07 -19.98 -5.09
CA ARG A 237 -23.11 -19.60 -6.15
C ARG A 237 -23.70 -18.47 -6.99
N MET A 238 -22.98 -17.37 -7.15
CA MET A 238 -23.51 -16.29 -8.02
C MET A 238 -23.37 -16.83 -9.45
N THR A 239 -24.49 -16.98 -10.09
CA THR A 239 -24.57 -17.60 -11.42
C THR A 239 -24.89 -16.57 -12.49
N LEU A 240 -24.38 -16.79 -13.73
CA LEU A 240 -24.65 -15.91 -14.87
C LEU A 240 -25.91 -16.48 -15.49
N THR A 241 -27.08 -16.08 -14.97
CA THR A 241 -28.36 -16.61 -15.45
C THR A 241 -28.78 -15.92 -16.79
N GLY A 242 -28.50 -14.62 -16.89
CA GLY A 242 -28.82 -13.86 -18.09
C GLY A 242 -27.69 -12.96 -18.51
N ILE A 243 -27.81 -12.46 -19.74
CA ILE A 243 -26.97 -11.47 -20.37
C ILE A 243 -27.97 -10.39 -20.87
N VAL A 244 -27.75 -9.09 -20.48
CA VAL A 244 -28.56 -7.94 -20.93
C VAL A 244 -28.67 -7.97 -22.47
N SER A 245 -29.92 -8.06 -22.99
CA SER A 245 -30.09 -8.18 -24.43
C SER A 245 -30.91 -7.08 -25.05
N TRP A 246 -32.18 -6.94 -24.65
CA TRP A 246 -33.10 -6.00 -25.29
C TRP A 246 -34.31 -5.71 -24.42
N GLY A 247 -35.17 -4.80 -24.91
CA GLY A 247 -36.41 -4.40 -24.25
C GLY A 247 -36.86 -3.11 -24.88
N ARG A 248 -38.12 -2.68 -24.58
CA ARG A 248 -38.64 -1.39 -25.08
C ARG A 248 -38.46 -0.32 -23.99
N GLY A 249 -37.59 0.66 -24.27
CA GLY A 249 -37.23 1.72 -23.34
C GLY A 249 -36.54 1.19 -22.11
N CYS A 250 -36.54 1.90 -21.03
CA CYS A 250 -35.94 1.44 -19.76
C CYS A 250 -36.93 1.74 -18.62
N ALA A 251 -37.21 0.84 -17.71
CA ALA A 251 -38.13 0.99 -16.58
C ALA A 251 -39.57 1.49 -17.00
N LEU A 252 -40.06 1.03 -18.16
CA LEU A 252 -41.41 1.32 -18.68
C LEU A 252 -42.34 0.25 -18.15
N LYS A 253 -43.53 0.66 -17.67
CA LYS A 253 -44.55 -0.28 -17.17
C LYS A 253 -44.76 -1.37 -18.25
N ASP A 254 -44.85 -2.65 -17.83
CA ASP A 254 -45.09 -3.84 -18.68
C ASP A 254 -44.00 -4.12 -19.70
N LYS A 255 -42.89 -3.40 -19.68
CA LYS A 255 -41.83 -3.58 -20.65
C LYS A 255 -40.52 -3.97 -19.92
N PRO A 256 -40.41 -5.25 -19.51
CA PRO A 256 -39.20 -5.66 -18.77
C PRO A 256 -37.92 -5.79 -19.59
N GLY A 257 -36.81 -5.97 -18.89
CA GLY A 257 -35.54 -6.21 -19.56
C GLY A 257 -35.50 -7.67 -19.99
N VAL A 258 -35.04 -7.93 -21.21
CA VAL A 258 -34.99 -9.29 -21.73
C VAL A 258 -33.53 -9.68 -21.82
N TYR A 259 -33.23 -10.88 -21.32
CA TYR A 259 -31.92 -11.47 -21.11
C TYR A 259 -31.67 -12.80 -21.88
N THR A 260 -30.43 -12.99 -22.36
CA THR A 260 -30.09 -14.25 -23.03
C THR A 260 -30.01 -15.29 -21.92
N ARG A 261 -30.82 -16.35 -22.05
CA ARG A 261 -30.97 -17.41 -21.06
C ARG A 261 -29.80 -18.33 -21.19
N VAL A 262 -28.70 -18.03 -20.46
CA VAL A 262 -27.42 -18.74 -20.48
C VAL A 262 -27.60 -20.29 -20.36
N SER A 263 -28.38 -20.79 -19.38
CA SER A 263 -28.61 -22.25 -19.15
C SER A 263 -29.05 -23.07 -20.39
N HIS A 264 -29.48 -22.36 -21.47
CA HIS A 264 -29.91 -22.93 -22.73
C HIS A 264 -28.88 -22.77 -23.86
N PHE A 265 -27.64 -22.29 -23.55
CA PHE A 265 -26.53 -22.02 -24.52
C PHE A 265 -25.20 -22.68 -24.14
N LEU A 266 -25.23 -23.60 -23.17
CA LEU A 266 -24.07 -24.36 -22.68
C LEU A 266 -23.32 -25.15 -23.78
N PRO A 267 -23.99 -25.94 -24.68
CA PRO A 267 -23.22 -26.62 -25.73
C PRO A 267 -22.57 -25.60 -26.68
N TRP A 268 -23.27 -24.48 -27.03
CA TRP A 268 -22.68 -23.40 -27.83
C TRP A 268 -21.40 -22.80 -27.15
N ILE A 269 -21.45 -22.47 -25.83
CA ILE A 269 -20.31 -21.96 -25.02
C ILE A 269 -19.19 -23.01 -24.99
N ARG A 270 -19.51 -24.27 -24.60
CA ARG A 270 -18.56 -25.38 -24.55
C ARG A 270 -17.88 -25.62 -25.90
N SER A 271 -18.67 -25.62 -27.00
CA SER A 271 -18.20 -25.81 -28.38
C SER A 271 -17.08 -24.82 -28.78
N HIS A 272 -17.12 -23.59 -28.23
CA HIS A 272 -16.14 -22.54 -28.52
C HIS A 272 -15.04 -22.40 -27.44
N THR A 273 -15.21 -22.97 -26.25
CA THR A 273 -14.18 -22.87 -25.22
C THR A 273 -13.45 -24.23 -25.01
N LYS A 274 -13.51 -25.13 -26.01
CA LYS A 274 -12.86 -26.44 -25.98
C LYS A 274 -11.55 -26.42 -26.77
N LYS B 15 2.32 -34.03 18.07
CA LYS B 15 3.44 -34.60 18.83
C LYS B 15 4.86 -34.17 18.30
N PHE B 16 5.14 -32.86 18.24
CA PHE B 16 6.45 -32.44 17.67
C PHE B 16 7.57 -32.57 18.69
N GLN B 17 8.50 -33.46 18.42
CA GLN B 17 9.73 -33.60 19.23
C GLN B 17 10.82 -33.29 18.21
N CYS B 18 11.61 -32.27 18.43
CA CYS B 18 12.60 -31.82 17.42
C CYS B 18 13.75 -32.82 17.22
N GLY B 19 14.33 -32.78 16.04
CA GLY B 19 15.47 -33.59 15.64
C GLY B 19 15.40 -35.10 15.82
N GLN B 20 14.29 -35.74 15.39
CA GLN B 20 14.07 -37.19 15.46
C GLN B 20 13.42 -37.78 14.18
N LYS B 21 13.88 -38.98 13.76
CA LYS B 21 13.39 -39.71 12.57
C LYS B 21 12.62 -41.02 12.94
N THR B 22 11.94 -41.64 11.93
CA THR B 22 11.20 -42.90 12.04
C THR B 22 12.14 -44.04 12.42
N ILE B 29 23.01 -31.72 -4.92
CA ILE B 29 24.08 -32.30 -4.13
C ILE B 29 25.03 -33.08 -5.01
N ILE B 30 26.35 -32.84 -4.87
CA ILE B 30 27.40 -33.57 -5.60
C ILE B 30 27.64 -34.79 -4.73
N GLY B 31 27.72 -35.96 -5.35
CA GLY B 31 27.92 -37.19 -4.61
C GLY B 31 26.70 -37.50 -3.76
N GLY B 32 26.94 -38.21 -2.66
CA GLY B 32 25.84 -38.59 -1.79
C GLY B 32 24.89 -39.59 -2.42
N GLU B 33 23.68 -39.69 -1.86
CA GLU B 33 22.66 -40.66 -2.26
C GLU B 33 21.29 -40.05 -2.39
N PHE B 34 20.42 -40.77 -3.08
CA PHE B 34 19.01 -40.35 -3.14
C PHE B 34 18.37 -40.64 -1.78
N THR B 35 17.33 -39.93 -1.45
CA THR B 35 16.72 -40.15 -0.12
C THR B 35 15.24 -39.79 -0.18
N THR B 36 14.52 -40.13 0.87
CA THR B 36 13.08 -39.81 1.03
C THR B 36 12.93 -38.79 2.16
N ILE B 37 11.80 -38.12 2.23
CA ILE B 37 11.55 -37.06 3.24
C ILE B 37 11.58 -37.64 4.67
N GLU B 38 11.33 -38.94 4.85
CA GLU B 38 11.34 -39.59 6.19
C GLU B 38 12.73 -39.49 6.86
N ASN B 39 13.81 -39.38 6.04
CA ASN B 39 15.20 -39.27 6.47
C ASN B 39 15.60 -37.83 6.79
N GLN B 40 14.89 -36.84 6.24
CA GLN B 40 15.18 -35.41 6.50
C GLN B 40 13.83 -34.71 6.67
N PRO B 41 12.97 -35.12 7.69
CA PRO B 41 11.58 -34.60 7.75
C PRO B 41 11.40 -33.14 8.13
N TRP B 42 12.50 -32.44 8.38
CA TRP B 42 12.51 -31.02 8.66
C TRP B 42 12.68 -30.22 7.36
N PHE B 43 13.05 -30.89 6.26
CA PHE B 43 13.30 -30.24 4.98
C PHE B 43 12.04 -29.66 4.30
N ALA B 44 12.16 -28.37 3.89
CA ALA B 44 11.20 -27.51 3.22
C ALA B 44 11.73 -27.19 1.85
N ALA B 45 10.87 -27.37 0.85
CA ALA B 45 11.14 -27.09 -0.56
C ALA B 45 10.43 -25.76 -0.86
N ILE B 46 11.23 -24.74 -1.17
CA ILE B 46 10.76 -23.36 -1.41
C ILE B 46 10.75 -23.06 -2.90
N TYR B 47 9.56 -22.67 -3.41
CA TYR B 47 9.29 -22.33 -4.81
C TYR B 47 8.79 -20.90 -4.95
N ARG B 48 8.94 -20.33 -6.16
CA ARG B 48 8.47 -19.00 -6.55
C ARG B 48 7.59 -19.13 -7.78
N ARG B 49 6.47 -18.39 -7.80
CA ARG B 49 5.54 -18.31 -8.92
C ARG B 49 5.93 -17.06 -9.72
N HIS B 50 6.07 -17.22 -11.04
CA HIS B 50 6.52 -16.16 -11.94
C HIS B 50 5.40 -15.26 -12.48
N ARG B 51 5.80 -14.13 -13.11
CA ARG B 51 4.91 -13.14 -13.72
C ARG B 51 3.85 -13.82 -14.62
N GLY B 52 4.21 -14.97 -15.17
CA GLY B 52 3.36 -15.78 -16.03
C GLY B 52 2.76 -16.99 -15.34
N GLY B 53 2.67 -16.94 -14.00
CA GLY B 53 2.09 -17.98 -13.16
C GLY B 53 2.86 -19.28 -12.95
N SER B 54 3.90 -19.53 -13.79
CA SER B 54 4.77 -20.72 -13.75
C SER B 54 5.45 -20.84 -12.37
N VAL B 55 5.63 -22.07 -11.87
CA VAL B 55 6.24 -22.32 -10.56
C VAL B 55 7.60 -23.01 -10.72
N THR B 56 8.67 -22.45 -10.13
CA THR B 56 10.03 -23.02 -10.17
C THR B 56 10.67 -23.08 -8.75
N TYR B 57 11.50 -24.11 -8.50
CA TYR B 57 12.21 -24.33 -7.23
C TYR B 57 13.22 -23.20 -6.98
N VAL B 58 13.18 -22.59 -5.78
CA VAL B 58 14.08 -21.52 -5.38
C VAL B 58 15.23 -22.14 -4.60
N CYS B 59 14.95 -22.72 -3.42
CA CYS B 59 15.96 -23.37 -2.56
C CYS B 59 15.35 -24.12 -1.35
N GLY B 60 16.24 -24.71 -0.56
CA GLY B 60 15.86 -25.45 0.63
C GLY B 60 15.64 -24.54 1.81
N GLY B 61 15.20 -25.14 2.90
CA GLY B 61 14.90 -24.52 4.18
C GLY B 61 14.67 -25.63 5.18
N SER B 62 14.39 -25.28 6.46
CA SER B 62 14.19 -26.23 7.56
C SER B 62 13.05 -25.79 8.47
N LEU B 63 12.25 -26.74 8.97
CA LEU B 63 11.16 -26.40 9.87
C LEU B 63 11.71 -26.34 11.29
N ILE B 64 11.63 -25.16 11.92
CA ILE B 64 12.17 -25.02 13.27
C ILE B 64 11.10 -24.91 14.35
N SER B 65 9.86 -24.71 13.96
CA SER B 65 8.72 -24.54 14.87
C SER B 65 7.50 -24.88 14.01
N PRO B 66 6.26 -25.05 14.51
CA PRO B 66 5.13 -25.34 13.60
C PRO B 66 4.86 -24.25 12.55
N CYS B 67 5.10 -22.98 12.90
CA CYS B 67 4.82 -21.86 12.03
C CYS B 67 6.06 -21.25 11.36
N TRP B 68 7.28 -21.72 11.68
CA TRP B 68 8.49 -21.12 11.13
C TRP B 68 9.42 -22.03 10.38
N VAL B 69 9.80 -21.61 9.18
CA VAL B 69 10.78 -22.26 8.30
C VAL B 69 11.95 -21.29 8.21
N ILE B 70 13.19 -21.79 8.29
CA ILE B 70 14.41 -20.97 8.19
C ILE B 70 15.23 -21.29 6.94
N SER B 71 15.79 -20.27 6.28
CA SER B 71 16.58 -20.46 5.06
C SER B 71 17.68 -19.40 4.92
N ALA B 72 18.16 -19.14 3.68
CA ALA B 72 19.18 -18.13 3.38
C ALA B 72 18.51 -16.90 2.76
N THR B 73 18.92 -15.68 3.17
CA THR B 73 18.39 -14.42 2.63
C THR B 73 18.70 -14.35 1.13
N HIS B 74 19.91 -14.79 0.68
CA HIS B 74 20.33 -14.72 -0.73
C HIS B 74 19.34 -15.37 -1.71
N CYS B 75 18.53 -16.30 -1.20
CA CYS B 75 17.48 -16.99 -1.91
C CYS B 75 16.37 -16.01 -2.27
N PHE B 76 16.16 -14.96 -1.46
CA PHE B 76 15.03 -14.05 -1.61
C PHE B 76 15.38 -12.59 -1.87
N ILE B 77 16.68 -12.28 -1.90
CA ILE B 77 17.13 -10.90 -2.08
C ILE B 77 16.70 -10.29 -3.45
N ASP B 78 16.44 -11.10 -4.50
CA ASP B 78 16.02 -10.58 -5.80
C ASP B 78 14.49 -10.51 -6.00
N TYR B 79 13.72 -11.18 -5.14
CA TYR B 79 12.26 -11.19 -5.15
C TYR B 79 11.84 -11.15 -3.66
N PRO B 80 11.89 -9.98 -2.98
CA PRO B 80 11.57 -9.98 -1.54
C PRO B 80 10.07 -9.95 -1.21
N LYS B 81 9.20 -10.15 -2.22
CA LYS B 81 7.76 -10.18 -2.05
C LYS B 81 7.22 -11.56 -1.65
N LYS B 82 6.78 -11.62 -0.40
CA LYS B 82 6.11 -12.71 0.35
C LYS B 82 5.16 -13.58 -0.51
N GLU B 83 4.18 -12.90 -1.15
CA GLU B 83 3.09 -13.41 -2.00
C GLU B 83 3.51 -14.36 -3.14
N ASP B 84 4.75 -14.23 -3.63
CA ASP B 84 5.25 -15.04 -4.74
C ASP B 84 5.78 -16.41 -4.31
N TYR B 85 5.85 -16.69 -3.00
CA TYR B 85 6.43 -17.95 -2.54
C TYR B 85 5.47 -19.02 -2.04
N ILE B 86 5.79 -20.26 -2.42
CA ILE B 86 5.12 -21.50 -2.04
C ILE B 86 6.13 -22.35 -1.26
N VAL B 87 5.69 -22.90 -0.10
CA VAL B 87 6.49 -23.78 0.77
C VAL B 87 5.83 -25.17 0.89
N TYR B 88 6.64 -26.22 0.76
CA TYR B 88 6.19 -27.59 0.91
C TYR B 88 6.95 -28.29 2.01
N LEU B 89 6.23 -29.08 2.78
CA LEU B 89 6.77 -29.92 3.82
C LEU B 89 6.36 -31.33 3.45
N GLY B 90 7.22 -32.29 3.74
CA GLY B 90 7.01 -33.70 3.41
C GLY B 90 7.08 -34.01 1.93
N ARG B 91 7.97 -33.31 1.20
CA ARG B 91 8.15 -33.50 -0.24
C ARG B 91 9.54 -34.11 -0.55
N SER B 92 9.56 -35.34 -1.15
CA SER B 92 10.74 -36.13 -1.59
C SER B 92 11.05 -35.86 -3.06
N ARG B 93 10.06 -35.37 -3.85
CA ARG B 93 10.21 -35.17 -5.29
C ARG B 93 10.00 -33.71 -5.74
N LEU B 94 10.82 -33.26 -6.69
CA LEU B 94 10.91 -31.87 -7.16
C LEU B 94 9.68 -31.34 -7.89
N ASN B 95 9.10 -32.11 -8.84
CA ASN B 95 7.95 -31.69 -9.64
C ASN B 95 6.81 -32.71 -9.60
N SER B 96 6.88 -33.61 -8.61
CA SER B 96 5.90 -34.67 -8.41
C SER B 96 5.33 -34.63 -6.99
N ASN B 97 4.09 -35.12 -6.84
CA ASN B 97 3.42 -35.20 -5.55
C ASN B 97 3.93 -36.43 -4.81
N THR B 98 4.00 -36.33 -3.47
CA THR B 98 4.44 -37.40 -2.58
C THR B 98 3.38 -37.49 -1.47
N GLN B 99 2.91 -38.71 -1.15
CA GLN B 99 1.86 -38.92 -0.15
C GLN B 99 2.22 -38.33 1.22
N GLY B 100 1.39 -37.41 1.69
CA GLY B 100 1.55 -36.74 2.98
C GLY B 100 2.18 -35.36 2.92
N GLU B 101 2.50 -34.84 1.72
CA GLU B 101 3.09 -33.52 1.58
C GLU B 101 2.09 -32.42 1.92
N MET B 102 2.55 -31.35 2.56
CA MET B 102 1.70 -30.23 2.94
C MET B 102 2.19 -28.94 2.26
N LYS B 103 1.25 -28.22 1.64
CA LYS B 103 1.47 -26.97 0.94
C LYS B 103 1.19 -25.79 1.88
N PHE B 104 2.04 -24.75 1.81
CA PHE B 104 1.95 -23.55 2.64
C PHE B 104 2.20 -22.28 1.84
N GLU B 105 1.68 -21.16 2.34
CA GLU B 105 1.87 -19.82 1.81
C GLU B 105 2.83 -19.16 2.79
N VAL B 106 3.51 -18.08 2.35
CA VAL B 106 4.45 -17.35 3.21
C VAL B 106 3.69 -16.18 3.78
N GLU B 107 3.29 -16.30 5.06
CA GLU B 107 2.55 -15.32 5.87
C GLU B 107 3.46 -14.15 6.19
N ASN B 108 4.78 -14.40 6.33
CA ASN B 108 5.79 -13.37 6.59
C ASN B 108 7.17 -13.80 6.05
N LEU B 109 7.88 -12.91 5.36
CA LEU B 109 9.22 -13.18 4.83
C LEU B 109 10.18 -12.20 5.50
N ILE B 110 11.06 -12.73 6.34
CA ILE B 110 11.99 -11.93 7.13
C ILE B 110 13.41 -12.15 6.65
N LEU B 111 14.06 -11.07 6.21
CA LEU B 111 15.46 -11.11 5.75
C LEU B 111 16.31 -10.37 6.76
N HIS B 112 17.59 -10.78 6.93
CA HIS B 112 18.50 -10.11 7.87
C HIS B 112 18.90 -8.75 7.26
N LYS B 113 18.54 -7.65 7.96
CA LYS B 113 18.84 -6.27 7.54
C LYS B 113 20.35 -6.05 7.30
N ASP B 114 21.23 -6.85 7.96
CA ASP B 114 22.68 -6.71 7.82
C ASP B 114 23.30 -7.67 6.80
N TYR B 115 22.43 -8.37 6.01
CA TYR B 115 22.84 -9.27 4.92
C TYR B 115 23.71 -8.48 3.99
N SER B 116 24.79 -9.11 3.52
CA SER B 116 25.74 -8.52 2.59
C SER B 116 26.33 -9.62 1.71
N ALA B 117 26.79 -9.26 0.49
CA ALA B 117 27.40 -10.16 -0.49
C ALA B 117 28.16 -9.33 -1.53
N ASP B 118 28.90 -8.30 -1.06
CA ASP B 118 29.66 -7.37 -1.91
C ASP B 118 30.83 -8.04 -2.56
N THR B 119 31.42 -9.02 -1.85
CA THR B 119 32.50 -9.88 -2.36
C THR B 119 31.97 -11.34 -2.39
N LEU B 120 32.88 -12.35 -2.34
CA LEU B 120 32.60 -13.80 -2.37
C LEU B 120 31.70 -14.32 -1.24
N ALA B 121 31.99 -13.89 0.01
CA ALA B 121 31.24 -14.29 1.20
C ALA B 121 29.85 -13.63 1.27
N HIS B 122 28.91 -14.32 1.89
CA HIS B 122 27.55 -13.87 2.12
C HIS B 122 27.44 -13.77 3.62
N HIS B 123 27.33 -12.54 4.15
CA HIS B 123 27.22 -12.28 5.58
C HIS B 123 25.78 -12.28 6.03
N ASN B 124 25.51 -12.71 7.29
CA ASN B 124 24.20 -12.78 7.94
C ASN B 124 23.18 -13.39 7.00
N ASP B 125 23.56 -14.52 6.40
CA ASP B 125 22.77 -15.16 5.37
C ASP B 125 21.78 -16.10 5.96
N ILE B 126 20.68 -15.51 6.50
CA ILE B 126 19.64 -16.26 7.21
C ILE B 126 18.34 -15.57 6.95
N ALA B 127 17.25 -16.33 6.83
CA ALA B 127 15.95 -15.71 6.56
C ALA B 127 14.86 -16.50 7.27
N LEU B 128 13.76 -15.84 7.62
CA LEU B 128 12.66 -16.52 8.31
C LEU B 128 11.37 -16.48 7.50
N LEU B 129 10.69 -17.61 7.42
CA LEU B 129 9.43 -17.67 6.66
C LEU B 129 8.30 -18.15 7.58
N LYS B 130 7.22 -17.40 7.69
CA LYS B 130 6.10 -17.84 8.54
C LYS B 130 5.11 -18.54 7.60
N ILE B 131 4.88 -19.82 7.84
CA ILE B 131 4.07 -20.67 6.92
C ILE B 131 2.64 -20.85 7.45
N ARG B 132 1.71 -20.76 6.52
CA ARG B 132 0.27 -20.90 6.74
C ARG B 132 -0.35 -21.63 5.53
N SER B 133 -0.99 -22.76 5.79
CA SER B 133 -1.66 -23.58 4.79
C SER B 133 -2.98 -22.91 4.35
N LYS B 134 -3.59 -23.48 3.29
CA LYS B 134 -4.89 -23.06 2.73
C LYS B 134 -5.99 -23.25 3.80
N GLU B 135 -5.75 -24.17 4.76
CA GLU B 135 -6.59 -24.55 5.90
C GLU B 135 -6.30 -23.66 7.13
N GLY B 136 -5.61 -22.53 6.89
CA GLY B 136 -5.19 -21.53 7.88
C GLY B 136 -4.29 -22.07 8.97
N ARG B 137 -3.70 -23.26 8.73
CA ARG B 137 -2.90 -23.98 9.69
C ARG B 137 -1.40 -23.95 9.43
N CYS B 138 -0.63 -24.16 10.49
CA CYS B 138 0.82 -24.29 10.44
C CYS B 138 1.12 -25.77 10.29
N ALA B 139 2.40 -26.13 10.11
CA ALA B 139 2.80 -27.52 9.95
C ALA B 139 2.34 -28.37 11.13
N GLN B 140 1.96 -29.62 10.83
CA GLN B 140 1.48 -30.58 11.83
C GLN B 140 2.43 -31.80 11.85
N PRO B 141 2.71 -32.44 13.01
CA PRO B 141 3.64 -33.59 13.00
C PRO B 141 3.10 -34.83 12.30
N SER B 142 4.00 -35.49 11.56
CA SER B 142 3.78 -36.75 10.83
C SER B 142 5.13 -37.48 10.69
N ARG B 143 5.10 -38.65 10.03
CA ARG B 143 6.25 -39.47 9.70
C ARG B 143 7.19 -38.76 8.68
N THR B 144 6.67 -37.76 7.91
CA THR B 144 7.38 -37.01 6.86
C THR B 144 7.60 -35.53 7.20
N ILE B 145 6.89 -35.02 8.23
CA ILE B 145 6.98 -33.63 8.69
C ILE B 145 7.37 -33.61 10.17
N GLN B 146 8.63 -33.29 10.43
CA GLN B 146 9.18 -33.21 11.80
C GLN B 146 9.97 -31.91 11.93
N THR B 147 10.10 -31.41 13.16
CA THR B 147 10.82 -30.18 13.45
C THR B 147 12.31 -30.48 13.60
N ILE B 148 13.18 -29.48 13.32
CA ILE B 148 14.63 -29.65 13.50
C ILE B 148 15.00 -28.92 14.79
N CYS B 149 15.93 -29.45 15.61
CA CYS B 149 16.35 -28.74 16.83
C CYS B 149 17.31 -27.60 16.43
N LEU B 150 17.12 -26.44 17.04
CA LEU B 150 17.97 -25.26 16.91
C LEU B 150 19.08 -25.51 17.95
N PRO B 151 20.35 -25.07 17.76
CA PRO B 151 21.36 -25.29 18.81
C PRO B 151 21.13 -24.36 19.99
N SER B 152 21.83 -24.64 21.10
CA SER B 152 21.80 -23.75 22.27
C SER B 152 22.98 -22.82 21.96
N MET B 153 22.94 -21.60 22.52
CA MET B 153 23.89 -20.52 22.24
C MET B 153 25.34 -20.95 22.15
N TYR B 154 25.97 -20.70 20.99
CA TYR B 154 27.38 -20.94 20.71
C TYR B 154 27.84 -22.41 20.82
N ASN B 155 26.88 -23.38 20.82
CA ASN B 155 27.18 -24.81 20.97
C ASN B 155 27.06 -25.57 19.65
N ASP B 156 28.23 -25.76 19.06
CA ASP B 156 28.45 -26.44 17.77
C ASP B 156 29.19 -27.77 17.98
N PRO B 157 29.07 -28.73 17.04
CA PRO B 157 29.84 -29.98 17.19
C PRO B 157 31.33 -29.65 17.07
N GLN B 158 32.20 -30.59 17.46
CA GLN B 158 33.65 -30.38 17.36
C GLN B 158 34.08 -30.48 15.89
N PHE B 159 35.12 -29.73 15.51
CA PHE B 159 35.68 -29.75 14.18
C PHE B 159 36.07 -31.19 13.81
N GLY B 160 35.76 -31.59 12.57
CA GLY B 160 36.00 -32.95 12.10
C GLY B 160 34.80 -33.86 12.26
N THR B 161 33.72 -33.36 12.89
CA THR B 161 32.47 -34.10 13.07
C THR B 161 31.79 -34.19 11.70
N SER B 162 31.27 -35.38 11.36
CA SER B 162 30.53 -35.61 10.12
C SER B 162 29.06 -35.16 10.31
N CYS B 163 28.54 -34.36 9.36
CA CYS B 163 27.17 -33.84 9.41
C CYS B 163 26.47 -34.12 8.08
N GLU B 164 25.15 -34.05 8.10
CA GLU B 164 24.39 -34.30 6.91
C GLU B 164 23.93 -33.01 6.24
N ILE B 165 23.92 -33.00 4.90
CA ILE B 165 23.41 -31.92 4.04
C ILE B 165 22.37 -32.53 3.08
N THR B 166 21.34 -31.77 2.69
CA THR B 166 20.25 -32.26 1.85
C THR B 166 19.81 -31.19 0.85
N GLY B 167 19.21 -31.63 -0.26
CA GLY B 167 18.69 -30.71 -1.26
C GLY B 167 18.36 -31.27 -2.62
N PHE B 168 17.79 -30.40 -3.47
CA PHE B 168 17.40 -30.68 -4.84
C PHE B 168 18.42 -30.09 -5.80
N GLY B 169 19.54 -29.59 -5.26
CA GLY B 169 20.60 -28.97 -6.03
C GLY B 169 21.25 -29.87 -7.06
N LYS B 170 21.99 -29.26 -8.02
CA LYS B 170 22.69 -29.95 -9.09
C LYS B 170 23.58 -31.10 -8.64
N GLU B 171 23.72 -32.18 -9.47
CA GLU B 171 24.54 -33.36 -9.14
C GLU B 171 25.96 -33.19 -9.55
N ASN B 172 26.19 -32.26 -10.47
CA ASN B 172 27.51 -31.85 -10.93
C ASN B 172 27.38 -30.36 -11.33
N SER B 173 28.40 -29.54 -10.99
CA SER B 173 28.41 -28.09 -11.26
C SER B 173 28.09 -27.70 -12.71
N THR B 174 28.40 -28.58 -13.69
CA THR B 174 28.21 -28.29 -15.13
C THR B 174 26.84 -28.71 -15.64
N ASP B 175 26.08 -29.47 -14.83
CA ASP B 175 24.73 -29.94 -15.17
C ASP B 175 23.78 -28.78 -15.40
N TYR B 176 22.78 -28.98 -16.28
CA TYR B 176 21.75 -27.99 -16.59
C TYR B 176 20.53 -28.24 -15.75
N LEU B 177 20.18 -29.50 -15.55
CA LEU B 177 18.99 -29.88 -14.81
C LEU B 177 19.30 -30.22 -13.38
N TYR B 178 18.26 -30.13 -12.54
CA TYR B 178 18.30 -30.45 -11.13
C TYR B 178 17.75 -31.87 -10.98
N PRO B 179 18.22 -32.62 -10.00
CA PRO B 179 17.66 -33.96 -9.81
C PRO B 179 16.19 -33.91 -9.38
N GLU B 180 15.39 -34.89 -9.76
CA GLU B 180 13.95 -34.91 -9.38
C GLU B 180 13.76 -35.58 -8.02
N GLN B 181 14.76 -36.29 -7.53
CA GLN B 181 14.67 -36.96 -6.21
C GLN B 181 15.57 -36.24 -5.20
N LEU B 182 15.05 -36.04 -4.00
CA LEU B 182 15.79 -35.36 -2.91
C LEU B 182 17.09 -36.12 -2.62
N LYS B 183 18.16 -35.41 -2.37
CA LYS B 183 19.46 -36.06 -2.17
C LYS B 183 20.06 -35.72 -0.85
N MET B 184 20.94 -36.57 -0.35
CA MET B 184 21.65 -36.26 0.88
C MET B 184 23.05 -36.78 0.81
N THR B 185 23.93 -36.16 1.57
CA THR B 185 25.29 -36.62 1.71
C THR B 185 25.83 -36.19 3.08
N VAL B 186 27.07 -36.62 3.37
CA VAL B 186 27.79 -36.37 4.59
C VAL B 186 29.08 -35.60 4.25
N VAL B 187 29.28 -34.48 4.99
CA VAL B 187 30.46 -33.58 4.95
C VAL B 187 30.93 -33.44 6.41
N LYS B 188 32.19 -33.09 6.65
CA LYS B 188 32.72 -32.91 8.01
C LYS B 188 33.01 -31.45 8.30
N LEU B 189 32.83 -31.02 9.54
CA LEU B 189 33.12 -29.62 9.91
C LEU B 189 34.63 -29.33 9.83
N ILE B 190 34.96 -28.12 9.35
CA ILE B 190 36.30 -27.60 9.16
C ILE B 190 36.40 -26.39 10.06
N SER B 191 37.56 -26.25 10.72
CA SER B 191 37.90 -25.19 11.67
C SER B 191 38.17 -23.90 10.96
N HIS B 192 37.97 -22.79 11.67
CA HIS B 192 38.31 -21.48 11.14
C HIS B 192 39.77 -21.39 10.70
N ARG B 193 40.71 -21.93 11.49
CA ARG B 193 42.15 -21.84 11.10
C ARG B 193 42.34 -22.41 9.69
N GLU B 194 41.83 -23.60 9.43
CA GLU B 194 41.86 -24.25 8.13
C GLU B 194 41.18 -23.42 7.06
N CYS B 195 39.87 -23.15 7.22
CA CYS B 195 39.08 -22.38 6.27
C CYS B 195 39.58 -20.95 6.06
N GLN B 196 40.23 -20.34 7.07
CA GLN B 196 40.78 -19.00 6.94
C GLN B 196 42.22 -19.00 6.33
N GLN B 197 42.69 -20.16 5.81
CA GLN B 197 43.98 -20.24 5.11
C GLN B 197 43.83 -19.50 3.78
N PRO B 198 44.92 -18.93 3.18
CA PRO B 198 44.74 -18.12 1.95
C PRO B 198 44.30 -18.89 0.73
N HIS B 199 44.73 -20.16 0.60
CA HIS B 199 44.41 -21.06 -0.50
C HIS B 199 42.97 -21.60 -0.37
N TYR B 200 42.33 -21.34 0.78
CA TYR B 200 40.94 -21.71 1.03
C TYR B 200 40.17 -20.44 0.75
N TYR B 201 39.57 -19.81 1.78
CA TYR B 201 38.84 -18.55 1.57
C TYR B 201 39.47 -17.35 2.25
N GLY B 202 40.52 -17.60 3.04
CA GLY B 202 41.21 -16.55 3.77
C GLY B 202 40.25 -15.83 4.70
N SER B 203 40.37 -14.48 4.74
CA SER B 203 39.58 -13.58 5.59
C SER B 203 38.10 -13.46 5.20
N GLU B 204 37.68 -14.09 4.06
CA GLU B 204 36.28 -14.09 3.59
C GLU B 204 35.38 -14.77 4.60
N VAL B 205 35.91 -15.83 5.24
CA VAL B 205 35.20 -16.59 6.26
C VAL B 205 35.23 -15.85 7.59
N THR B 206 34.06 -15.67 8.23
CA THR B 206 33.94 -15.04 9.56
C THR B 206 33.60 -16.13 10.61
N THR B 207 33.59 -15.77 11.93
CA THR B 207 33.19 -16.66 13.04
C THR B 207 31.67 -16.85 13.07
N LYS B 208 30.89 -16.06 12.30
CA LYS B 208 29.44 -16.24 12.18
C LYS B 208 29.17 -17.20 10.99
N MET B 209 30.24 -17.84 10.48
CA MET B 209 30.21 -18.83 9.40
C MET B 209 30.83 -20.16 9.87
N LEU B 210 30.53 -21.26 9.15
CA LEU B 210 31.05 -22.61 9.40
C LEU B 210 31.34 -23.30 8.06
N CYS B 211 32.56 -23.78 7.88
CA CYS B 211 32.95 -24.49 6.67
C CYS B 211 32.77 -25.96 6.85
N ALA B 212 32.43 -26.68 5.77
CA ALA B 212 32.25 -28.12 5.84
C ALA B 212 32.52 -28.74 4.51
N ALA B 213 33.22 -29.86 4.51
CA ALA B 213 33.62 -30.49 3.25
C ALA B 213 33.91 -31.96 3.42
N ASP B 214 34.12 -32.65 2.29
CA ASP B 214 34.54 -34.03 2.19
C ASP B 214 36.07 -33.98 2.23
N PRO B 215 36.74 -34.86 3.00
CA PRO B 215 38.22 -34.82 3.06
C PRO B 215 38.88 -35.11 1.73
N GLN B 216 38.20 -35.85 0.84
CA GLN B 216 38.70 -36.16 -0.51
C GLN B 216 38.03 -35.25 -1.56
N TRP B 217 37.20 -34.27 -1.10
CA TRP B 217 36.49 -33.26 -1.92
C TRP B 217 35.59 -33.91 -2.96
N LYS B 218 35.03 -35.09 -2.66
CA LYS B 218 34.21 -35.78 -3.65
C LYS B 218 32.70 -35.54 -3.49
N THR B 219 32.29 -34.92 -2.38
CA THR B 219 30.88 -34.63 -2.11
C THR B 219 30.75 -33.20 -1.54
N ASP B 220 29.60 -32.55 -1.84
CA ASP B 220 29.34 -31.15 -1.47
C ASP B 220 27.93 -30.71 -1.84
N SER B 221 27.52 -29.57 -1.29
CA SER B 221 26.27 -28.93 -1.63
C SER B 221 26.64 -28.16 -2.88
N CYS B 222 25.69 -27.99 -3.80
CA CYS B 222 25.88 -27.28 -5.05
C CYS B 222 24.70 -26.36 -5.33
N GLN B 223 24.72 -25.65 -6.46
CA GLN B 223 23.66 -24.70 -6.85
C GLN B 223 22.30 -25.35 -6.69
N GLY B 224 21.40 -24.68 -5.99
CA GLY B 224 20.05 -25.16 -5.72
C GLY B 224 19.89 -25.77 -4.33
N ASP B 225 21.03 -26.02 -3.63
CA ASP B 225 21.05 -26.52 -2.23
C ASP B 225 21.06 -25.34 -1.23
N SER B 226 21.08 -24.11 -1.73
CA SER B 226 21.07 -22.87 -0.93
C SER B 226 19.88 -22.85 0.02
N GLY B 227 20.07 -22.32 1.24
CA GLY B 227 19.02 -22.27 2.25
C GLY B 227 18.77 -23.57 3.01
N GLY B 228 19.31 -24.66 2.49
CA GLY B 228 19.19 -25.99 3.09
C GLY B 228 19.93 -26.13 4.42
N PRO B 229 19.57 -27.12 5.27
CA PRO B 229 20.25 -27.27 6.57
C PRO B 229 21.56 -28.09 6.56
N LEU B 230 22.48 -27.77 7.49
CA LEU B 230 23.67 -28.54 7.77
C LEU B 230 23.25 -29.14 9.10
N VAL B 231 22.87 -30.44 9.10
CA VAL B 231 22.30 -31.16 10.25
C VAL B 231 23.33 -32.01 10.98
N CYS B 232 23.49 -31.73 12.28
CA CYS B 232 24.43 -32.45 13.15
C CYS B 232 23.70 -33.07 14.32
N SER B 233 24.25 -34.16 14.83
CA SER B 233 23.73 -34.86 16.01
C SER B 233 24.55 -34.43 17.22
N LEU B 234 23.88 -33.72 18.14
CA LEU B 234 24.39 -33.19 19.39
C LEU B 234 23.44 -33.62 20.50
N GLN B 235 24.03 -34.36 21.46
CA GLN B 235 23.35 -34.97 22.61
C GLN B 235 22.04 -35.70 22.15
N GLY B 236 22.18 -36.55 21.13
CA GLY B 236 21.07 -37.32 20.55
C GLY B 236 19.97 -36.52 19.89
N ARG B 237 20.24 -35.25 19.54
CA ARG B 237 19.28 -34.36 18.89
C ARG B 237 19.86 -33.86 17.54
N MET B 238 19.11 -34.07 16.43
CA MET B 238 19.53 -33.61 15.10
C MET B 238 19.29 -32.13 15.11
N THR B 239 20.39 -31.36 15.09
CA THR B 239 20.48 -29.92 15.29
C THR B 239 20.80 -29.16 13.99
N LEU B 240 20.14 -28.00 13.79
CA LEU B 240 20.36 -27.12 12.63
C LEU B 240 21.66 -26.36 12.89
N THR B 241 22.81 -26.97 12.61
CA THR B 241 24.09 -26.36 12.93
C THR B 241 24.45 -25.29 11.86
N GLY B 242 24.05 -25.54 10.61
CA GLY B 242 24.34 -24.62 9.53
C GLY B 242 23.24 -24.50 8.48
N ILE B 243 23.32 -23.46 7.68
CA ILE B 243 22.41 -23.22 6.57
C ILE B 243 23.28 -23.02 5.31
N VAL B 244 23.03 -23.79 4.22
CA VAL B 244 23.73 -23.64 2.93
C VAL B 244 23.74 -22.17 2.48
N SER B 245 24.98 -21.61 2.36
CA SER B 245 25.19 -20.22 2.04
C SER B 245 25.99 -19.98 0.75
N TRP B 246 27.28 -20.29 0.75
CA TRP B 246 28.11 -19.95 -0.39
C TRP B 246 29.36 -20.83 -0.44
N GLY B 247 30.13 -20.69 -1.51
CA GLY B 247 31.40 -21.37 -1.75
C GLY B 247 31.81 -21.11 -3.18
N ARG B 248 33.04 -21.49 -3.56
CA ARG B 248 33.51 -21.35 -4.95
C ARG B 248 33.32 -22.70 -5.63
N GLY B 249 32.39 -22.76 -6.57
CA GLY B 249 32.02 -24.00 -7.27
C GLY B 249 31.50 -25.06 -6.31
N CYS B 250 31.48 -26.32 -6.75
CA CYS B 250 31.06 -27.44 -5.90
C CYS B 250 32.06 -28.60 -5.98
N ALA B 251 32.39 -29.22 -4.82
CA ALA B 251 33.37 -30.30 -4.70
C ALA B 251 34.77 -29.95 -5.35
N LEU B 252 35.15 -28.66 -5.22
CA LEU B 252 36.43 -28.11 -5.70
C LEU B 252 37.45 -28.22 -4.57
N LYS B 253 38.64 -28.77 -4.87
CA LYS B 253 39.71 -28.92 -3.87
C LYS B 253 39.97 -27.56 -3.20
N ASP B 254 40.15 -27.55 -1.86
CA ASP B 254 40.41 -26.34 -1.04
C ASP B 254 39.25 -25.33 -0.98
N LYS B 255 38.08 -25.65 -1.57
CA LYS B 255 36.93 -24.75 -1.55
C LYS B 255 35.73 -25.38 -0.80
N PRO B 256 35.73 -25.41 0.55
CA PRO B 256 34.59 -26.02 1.27
C PRO B 256 33.26 -25.28 1.02
N GLY B 257 32.17 -25.86 1.49
CA GLY B 257 30.88 -25.19 1.41
C GLY B 257 30.81 -24.38 2.68
N VAL B 258 30.27 -23.17 2.63
CA VAL B 258 30.20 -22.32 3.81
C VAL B 258 28.75 -22.19 4.21
N TYR B 259 28.48 -22.31 5.52
CA TYR B 259 27.15 -22.32 6.13
C TYR B 259 27.01 -21.23 7.20
N THR B 260 25.78 -20.70 7.36
CA THR B 260 25.49 -19.70 8.38
C THR B 260 25.57 -20.46 9.72
N ARG B 261 26.46 -20.02 10.63
CA ARG B 261 26.61 -20.68 11.93
C ARG B 261 25.39 -20.34 12.76
N VAL B 262 24.37 -21.20 12.69
CA VAL B 262 23.10 -20.98 13.37
C VAL B 262 23.27 -20.62 14.88
N SER B 263 24.15 -21.31 15.61
CA SER B 263 24.35 -21.08 17.07
C SER B 263 24.83 -19.66 17.45
N HIS B 264 25.10 -18.79 16.44
CA HIS B 264 25.52 -17.42 16.69
C HIS B 264 24.45 -16.40 16.26
N PHE B 265 23.24 -16.86 15.90
CA PHE B 265 22.11 -16.01 15.45
C PHE B 265 20.82 -16.18 16.29
N LEU B 266 20.93 -16.93 17.42
CA LEU B 266 19.81 -17.22 18.34
C LEU B 266 19.06 -15.97 18.78
N PRO B 267 19.71 -14.84 19.23
CA PRO B 267 18.90 -13.65 19.59
C PRO B 267 18.14 -13.07 18.39
N TRP B 268 18.75 -13.09 17.17
CA TRP B 268 18.09 -12.66 15.92
C TRP B 268 16.87 -13.58 15.61
N ILE B 269 17.05 -14.91 15.64
CA ILE B 269 15.95 -15.87 15.43
C ILE B 269 14.83 -15.56 16.46
N ARG B 270 15.18 -15.59 17.75
CA ARG B 270 14.26 -15.31 18.84
C ARG B 270 13.55 -13.95 18.68
N SER B 271 14.24 -12.87 18.21
CA SER B 271 13.66 -11.53 17.99
C SER B 271 12.43 -11.54 17.12
N HIS B 272 12.48 -12.33 16.04
CA HIS B 272 11.45 -12.43 15.01
C HIS B 272 10.38 -13.52 15.28
N THR B 273 10.66 -14.46 16.17
CA THR B 273 9.68 -15.49 16.55
C THR B 273 9.12 -15.17 17.95
N LYS B 274 8.54 -16.18 18.65
CA LYS B 274 7.99 -16.10 20.02
C LYS B 274 7.84 -14.68 20.60
N LYS C 15 -2.12 11.59 5.61
CA LYS C 15 -2.56 12.85 6.20
C LYS C 15 -4.02 12.78 6.72
N PHE C 16 -4.24 13.12 8.01
CA PHE C 16 -5.60 13.09 8.61
C PHE C 16 -6.44 14.31 8.25
N GLN C 17 -7.65 14.03 7.76
CA GLN C 17 -8.74 14.98 7.44
C GLN C 17 -9.93 14.30 8.12
N CYS C 18 -10.36 14.84 9.26
CA CYS C 18 -11.42 14.26 10.07
C CYS C 18 -12.74 14.02 9.33
N GLY C 19 -13.47 13.00 9.78
CA GLY C 19 -14.80 12.59 9.32
C GLY C 19 -15.05 12.44 7.84
N GLN C 20 -14.15 11.76 7.13
CA GLN C 20 -14.24 11.54 5.68
C GLN C 20 -15.01 10.27 5.30
N LYS C 21 -14.30 9.10 5.34
CA LYS C 21 -14.70 7.72 4.94
C LYS C 21 -14.78 7.67 3.40
N ILE C 29 -25.03 -4.61 18.82
CA ILE C 29 -26.02 -3.71 18.23
C ILE C 29 -27.25 -4.52 17.88
N ILE C 30 -28.47 -4.07 18.32
CA ILE C 30 -29.74 -4.74 17.97
C ILE C 30 -30.05 -4.19 16.60
N GLY C 31 -30.46 -5.06 15.68
CA GLY C 31 -30.76 -4.64 14.31
C GLY C 31 -29.51 -4.27 13.56
N GLY C 32 -29.67 -3.42 12.56
CA GLY C 32 -28.55 -2.98 11.74
C GLY C 32 -27.91 -4.03 10.87
N GLU C 33 -26.66 -3.78 10.44
CA GLU C 33 -25.91 -4.65 9.53
C GLU C 33 -24.45 -4.80 9.97
N PHE C 34 -23.77 -5.85 9.51
CA PHE C 34 -22.34 -5.98 9.80
C PHE C 34 -21.63 -5.03 8.84
N THR C 35 -20.46 -4.50 9.22
CA THR C 35 -19.68 -3.62 8.35
C THR C 35 -18.22 -3.90 8.50
N THR C 36 -17.40 -3.20 7.71
CA THR C 36 -15.95 -3.22 7.70
C THR C 36 -15.44 -1.97 8.43
N ILE C 37 -14.19 -2.03 8.93
CA ILE C 37 -13.59 -0.89 9.61
C ILE C 37 -13.43 0.30 8.63
N GLU C 38 -13.54 0.07 7.30
CA GLU C 38 -13.50 1.13 6.26
C GLU C 38 -14.74 2.03 6.35
N ASN C 39 -15.87 1.48 6.87
CA ASN C 39 -17.13 2.22 7.05
C ASN C 39 -17.17 3.08 8.33
N GLN C 40 -16.26 2.81 9.29
CA GLN C 40 -16.19 3.58 10.55
C GLN C 40 -14.71 3.59 10.93
N PRO C 41 -13.82 4.28 10.13
CA PRO C 41 -12.36 4.22 10.39
C PRO C 41 -11.87 4.87 11.69
N TRP C 42 -12.75 5.56 12.38
CA TRP C 42 -12.46 6.20 13.67
C TRP C 42 -12.69 5.25 14.84
N PHE C 43 -13.35 4.10 14.61
CA PHE C 43 -13.67 3.15 15.65
C PHE C 43 -12.45 2.45 16.25
N ALA C 44 -12.38 2.52 17.60
CA ALA C 44 -11.34 1.94 18.44
C ALA C 44 -11.95 0.84 19.29
N ALA C 45 -11.29 -0.33 19.29
CA ALA C 45 -11.70 -1.49 20.05
C ALA C 45 -10.82 -1.52 21.30
N ILE C 46 -11.47 -1.39 22.48
CA ILE C 46 -10.81 -1.31 23.78
C ILE C 46 -10.96 -2.64 24.54
N TYR C 47 -9.81 -3.25 24.88
CA TYR C 47 -9.71 -4.54 25.58
C TYR C 47 -9.02 -4.38 26.95
N ARG C 48 -9.31 -5.29 27.92
CA ARG C 48 -8.69 -5.32 29.26
C ARG C 48 -7.84 -6.60 29.42
N ARG C 49 -6.61 -6.42 29.90
CA ARG C 49 -5.59 -7.48 30.13
C ARG C 49 -5.97 -8.48 31.22
N HIS C 50 -6.69 -8.02 32.27
CA HIS C 50 -7.27 -8.76 33.43
C HIS C 50 -6.29 -8.96 34.60
N ARG C 51 -6.85 -9.43 35.73
CA ARG C 51 -6.12 -9.79 36.99
C ARG C 51 -5.20 -10.98 36.69
N GLY C 52 -5.67 -11.89 35.85
CA GLY C 52 -4.94 -13.03 35.26
C GLY C 52 -4.54 -12.71 33.82
N GLY C 53 -3.81 -13.54 33.10
CA GLY C 53 -3.43 -13.17 31.71
C GLY C 53 -4.47 -13.54 30.66
N SER C 54 -5.67 -12.97 30.68
CA SER C 54 -6.73 -13.31 29.68
C SER C 54 -7.25 -12.04 28.98
N VAL C 55 -7.40 -12.02 27.67
CA VAL C 55 -7.86 -10.77 27.00
C VAL C 55 -9.37 -10.78 26.75
N THR C 56 -10.09 -9.80 27.28
CA THR C 56 -11.54 -9.66 27.01
C THR C 56 -11.90 -8.25 26.53
N TYR C 57 -12.89 -8.13 25.62
CA TYR C 57 -13.34 -6.85 25.07
C TYR C 57 -14.11 -6.09 26.11
N VAL C 58 -13.70 -4.81 26.35
CA VAL C 58 -14.31 -3.91 27.30
C VAL C 58 -15.31 -2.96 26.62
N CYS C 59 -14.83 -2.07 25.73
CA CYS C 59 -15.67 -1.01 25.14
C CYS C 59 -15.31 -0.56 23.74
N GLY C 60 -16.24 0.23 23.17
CA GLY C 60 -16.05 0.95 21.94
C GLY C 60 -15.45 2.29 22.25
N GLY C 61 -15.06 3.02 21.21
CA GLY C 61 -14.44 4.34 21.33
C GLY C 61 -14.12 4.91 19.97
N SER C 62 -13.74 6.21 19.90
CA SER C 62 -13.45 6.89 18.62
C SER C 62 -12.16 7.71 18.63
N LEU C 63 -11.36 7.62 17.55
CA LEU C 63 -10.10 8.37 17.41
C LEU C 63 -10.42 9.80 17.05
N ILE C 64 -10.02 10.77 17.90
CA ILE C 64 -10.32 12.18 17.68
C ILE C 64 -9.10 12.98 17.27
N SER C 65 -7.93 12.47 17.62
CA SER C 65 -6.64 13.07 17.34
C SER C 65 -5.74 11.86 17.09
N PRO C 66 -4.49 11.98 16.57
CA PRO C 66 -3.67 10.76 16.36
C PRO C 66 -3.29 10.04 17.66
N CYS C 67 -3.14 10.79 18.77
CA CYS C 67 -2.75 10.29 20.08
C CYS C 67 -3.92 10.10 21.03
N TRP C 68 -5.13 10.51 20.66
CA TRP C 68 -6.25 10.46 21.58
C TRP C 68 -7.47 9.71 21.10
N VAL C 69 -7.98 8.80 21.93
CA VAL C 69 -9.21 8.03 21.69
C VAL C 69 -10.19 8.47 22.79
N ILE C 70 -11.46 8.64 22.44
CA ILE C 70 -12.50 9.05 23.38
C ILE C 70 -13.54 7.95 23.56
N SER C 71 -14.01 7.78 24.79
CA SER C 71 -15.00 6.76 25.16
C SER C 71 -15.90 7.30 26.33
N ALA C 72 -16.54 6.37 27.10
CA ALA C 72 -17.36 6.64 28.28
C ALA C 72 -16.57 6.16 29.52
N THR C 73 -16.50 6.96 30.64
CA THR C 73 -15.74 6.51 31.83
C THR C 73 -16.35 5.28 32.46
N HIS C 74 -17.68 5.07 32.31
CA HIS C 74 -18.35 3.90 32.93
C HIS C 74 -17.71 2.58 32.49
N CYS C 75 -17.05 2.59 31.35
CA CYS C 75 -16.23 1.50 30.82
C CYS C 75 -15.02 1.23 31.74
N PHE C 76 -14.48 2.20 32.43
CA PHE C 76 -13.24 2.04 33.20
C PHE C 76 -13.31 2.34 34.69
N ILE C 77 -14.48 2.72 35.20
CA ILE C 77 -14.60 3.10 36.60
C ILE C 77 -14.23 1.94 37.56
N ASP C 78 -14.42 0.67 37.16
CA ASP C 78 -14.10 -0.50 37.99
C ASP C 78 -12.63 -0.96 37.85
N TYR C 79 -11.91 -0.51 36.83
CA TYR C 79 -10.51 -0.87 36.64
C TYR C 79 -9.77 0.35 36.08
N PRO C 80 -9.49 1.38 36.92
CA PRO C 80 -8.83 2.59 36.38
C PRO C 80 -7.33 2.45 36.06
N LYS C 81 -6.76 1.25 36.27
CA LYS C 81 -5.35 0.97 36.01
C LYS C 81 -5.06 0.91 34.50
N LYS C 82 -4.58 2.02 33.97
CA LYS C 82 -4.18 2.29 32.60
C LYS C 82 -3.45 1.12 31.89
N GLU C 83 -2.45 0.54 32.56
CA GLU C 83 -1.56 -0.55 32.15
C GLU C 83 -2.28 -1.83 31.68
N ASP C 84 -3.53 -2.04 32.15
CA ASP C 84 -4.35 -3.22 31.85
C ASP C 84 -5.15 -3.11 30.54
N TYR C 85 -5.14 -1.95 29.85
CA TYR C 85 -5.94 -1.82 28.63
C TYR C 85 -5.18 -1.87 27.30
N ILE C 86 -5.81 -2.53 26.31
CA ILE C 86 -5.32 -2.70 24.93
C ILE C 86 -6.27 -1.94 24.00
N VAL C 87 -5.71 -1.12 23.09
CA VAL C 87 -6.45 -0.31 22.12
C VAL C 87 -6.10 -0.75 20.69
N TYR C 88 -7.12 -1.04 19.89
CA TYR C 88 -6.98 -1.45 18.50
C TYR C 88 -7.69 -0.47 17.60
N LEU C 89 -7.06 -0.16 16.47
CA LEU C 89 -7.60 0.72 15.43
C LEU C 89 -7.52 -0.10 14.15
N GLY C 90 -8.50 0.08 13.27
CA GLY C 90 -8.60 -0.67 12.02
C GLY C 90 -8.99 -2.12 12.25
N ARG C 91 -9.82 -2.37 13.27
CA ARG C 91 -10.25 -3.72 13.63
C ARG C 91 -11.73 -3.92 13.34
N SER C 92 -12.03 -4.84 12.40
CA SER C 92 -13.38 -5.24 11.96
C SER C 92 -13.85 -6.45 12.76
N ARG C 93 -12.91 -7.26 13.31
CA ARG C 93 -13.20 -8.51 14.03
C ARG C 93 -12.92 -8.45 15.51
N LEU C 94 -13.77 -9.10 16.32
CA LEU C 94 -13.64 -9.12 17.77
C LEU C 94 -12.49 -9.98 18.28
N ASN C 95 -12.39 -11.26 17.84
CA ASN C 95 -11.32 -12.15 18.32
C ASN C 95 -10.43 -12.72 17.20
N SER C 96 -10.42 -12.05 16.05
CA SER C 96 -9.63 -12.41 14.87
C SER C 96 -8.87 -11.15 14.39
N ASN C 97 -7.93 -11.30 13.44
CA ASN C 97 -7.14 -10.19 12.90
C ASN C 97 -7.85 -9.53 11.71
N THR C 98 -7.39 -8.30 11.37
CA THR C 98 -7.85 -7.46 10.28
C THR C 98 -6.58 -6.82 9.68
N GLN C 99 -6.27 -7.13 8.40
CA GLN C 99 -5.08 -6.60 7.70
C GLN C 99 -5.04 -5.08 7.82
N GLY C 100 -3.94 -4.57 8.36
CA GLY C 100 -3.72 -3.14 8.57
C GLY C 100 -4.08 -2.63 9.95
N GLU C 101 -4.54 -3.51 10.82
CA GLU C 101 -4.94 -3.14 12.19
C GLU C 101 -3.72 -2.65 12.97
N MET C 102 -3.91 -1.72 13.91
CA MET C 102 -2.80 -1.17 14.72
C MET C 102 -3.10 -1.35 16.20
N LYS C 103 -2.13 -1.86 16.94
CA LYS C 103 -2.27 -2.16 18.39
C LYS C 103 -1.60 -1.03 19.20
N PHE C 104 -2.27 -0.55 20.22
CA PHE C 104 -1.84 0.55 21.08
C PHE C 104 -2.00 0.23 22.55
N GLU C 105 -1.21 0.93 23.38
CA GLU C 105 -1.23 0.84 24.84
C GLU C 105 -1.80 2.16 25.34
N VAL C 106 -2.36 2.17 26.57
CA VAL C 106 -2.92 3.39 27.13
C VAL C 106 -1.84 4.13 27.91
N GLU C 107 -1.35 5.24 27.34
CA GLU C 107 -0.32 6.10 27.90
C GLU C 107 -0.88 6.91 29.07
N ASN C 108 -2.20 7.26 29.02
CA ASN C 108 -2.91 8.00 30.07
C ASN C 108 -4.43 7.77 29.99
N LEU C 109 -5.06 7.44 31.14
CA LEU C 109 -6.51 7.21 31.20
C LEU C 109 -7.15 8.34 31.98
N ILE C 110 -7.87 9.21 31.26
CA ILE C 110 -8.52 10.35 31.86
C ILE C 110 -10.00 10.07 32.04
N LEU C 111 -10.43 9.96 33.30
CA LEU C 111 -11.84 9.75 33.60
C LEU C 111 -12.45 11.06 34.10
N HIS C 112 -13.75 11.30 33.84
CA HIS C 112 -14.38 12.54 34.27
C HIS C 112 -14.58 12.51 35.78
N LYS C 113 -13.98 13.49 36.51
CA LYS C 113 -14.04 13.63 37.96
C LYS C 113 -15.49 13.70 38.45
N ASP C 114 -16.36 14.37 37.67
CA ASP C 114 -17.78 14.54 38.01
C ASP C 114 -18.66 13.39 37.50
N TYR C 115 -18.07 12.30 36.95
CA TYR C 115 -18.84 11.12 36.55
C TYR C 115 -19.68 10.62 37.75
N SER C 116 -20.96 10.33 37.50
CA SER C 116 -21.96 9.85 38.46
C SER C 116 -22.81 8.80 37.76
N ALA C 117 -23.32 7.82 38.55
CA ALA C 117 -24.20 6.72 38.14
C ALA C 117 -24.96 6.22 39.36
N ASP C 118 -25.33 7.15 40.26
CA ASP C 118 -26.05 6.87 41.50
C ASP C 118 -27.50 6.45 41.26
N THR C 119 -28.06 6.81 40.09
CA THR C 119 -29.42 6.43 39.64
C THR C 119 -29.27 5.78 38.25
N LEU C 120 -30.35 5.74 37.45
CA LEU C 120 -30.38 5.18 36.09
C LEU C 120 -29.40 5.89 35.13
N ALA C 121 -29.42 7.24 35.17
CA ALA C 121 -28.60 8.13 34.35
C ALA C 121 -27.12 8.07 34.70
N HIS C 122 -26.26 8.10 33.68
CA HIS C 122 -24.80 8.18 33.81
C HIS C 122 -24.42 9.62 33.43
N HIS C 123 -24.05 10.45 34.42
CA HIS C 123 -23.67 11.84 34.22
C HIS C 123 -22.19 11.93 33.85
N ASN C 124 -21.82 12.94 33.00
CA ASN C 124 -20.41 13.23 32.60
C ASN C 124 -19.67 11.95 32.19
N ASP C 125 -20.36 11.13 31.42
CA ASP C 125 -19.87 9.82 31.03
C ASP C 125 -19.06 9.94 29.77
N ILE C 126 -17.81 10.39 29.97
CA ILE C 126 -16.84 10.64 28.91
C ILE C 126 -15.47 10.33 29.45
N ALA C 127 -14.57 9.83 28.63
CA ALA C 127 -13.21 9.52 29.07
C ALA C 127 -12.24 9.72 27.93
N LEU C 128 -11.01 10.08 28.23
CA LEU C 128 -9.99 10.26 27.22
C LEU C 128 -8.91 9.23 27.41
N LEU C 129 -8.40 8.69 26.30
CA LEU C 129 -7.33 7.70 26.30
C LEU C 129 -6.20 8.15 25.40
N LYS C 130 -5.02 8.43 25.99
CA LYS C 130 -3.85 8.77 25.19
C LYS C 130 -3.20 7.47 24.75
N ILE C 131 -3.17 7.20 23.44
CA ILE C 131 -2.61 5.99 22.85
C ILE C 131 -1.16 6.17 22.38
N ARG C 132 -0.37 5.10 22.49
CA ARG C 132 1.04 5.01 22.11
C ARG C 132 1.33 3.55 21.72
N SER C 133 1.87 3.33 20.50
CA SER C 133 2.22 2.00 20.01
C SER C 133 3.52 1.50 20.68
N LYS C 134 3.86 0.20 20.47
CA LYS C 134 5.07 -0.43 20.99
C LYS C 134 6.30 0.33 20.43
N GLU C 135 6.20 0.72 19.13
CA GLU C 135 7.18 1.50 18.38
C GLU C 135 7.00 3.05 18.60
N GLY C 136 6.55 3.41 19.82
CA GLY C 136 6.33 4.77 20.31
C GLY C 136 5.53 5.75 19.48
N ARG C 137 4.88 5.31 18.39
CA ARG C 137 4.11 6.20 17.52
C ARG C 137 2.60 6.21 17.78
N CYS C 138 1.97 7.36 17.58
CA CYS C 138 0.52 7.50 17.68
C CYS C 138 -0.08 6.93 16.38
N ALA C 139 -1.42 6.86 16.29
CA ALA C 139 -2.13 6.34 15.12
C ALA C 139 -1.73 7.06 13.84
N GLN C 140 -1.60 6.30 12.74
CA GLN C 140 -1.21 6.79 11.42
C GLN C 140 -2.42 6.76 10.46
N PRO C 141 -2.62 7.78 9.60
CA PRO C 141 -3.76 7.74 8.65
C PRO C 141 -3.65 6.61 7.62
N SER C 142 -4.77 5.91 7.38
CA SER C 142 -4.91 4.79 6.43
C SER C 142 -6.35 4.69 5.91
N ARG C 143 -6.62 3.74 4.99
CA ARG C 143 -7.97 3.55 4.48
C ARG C 143 -8.93 2.98 5.57
N THR C 144 -8.35 2.38 6.64
CA THR C 144 -9.01 1.75 7.80
C THR C 144 -8.88 2.52 9.12
N ILE C 145 -7.97 3.47 9.18
CA ILE C 145 -7.77 4.28 10.42
C ILE C 145 -7.90 5.76 10.08
N GLN C 146 -8.84 6.44 10.71
CA GLN C 146 -9.06 7.88 10.43
C GLN C 146 -9.64 8.57 11.66
N THR C 147 -9.50 9.87 11.71
CA THR C 147 -10.06 10.68 12.82
C THR C 147 -11.53 11.00 12.56
N ILE C 148 -12.32 11.14 13.62
CA ILE C 148 -13.70 11.60 13.53
C ILE C 148 -13.67 13.11 13.90
N CYS C 149 -14.62 13.92 13.38
CA CYS C 149 -14.67 15.36 13.68
C CYS C 149 -15.41 15.59 14.99
N LEU C 150 -14.88 16.49 15.80
CA LEU C 150 -15.49 16.92 17.05
C LEU C 150 -16.54 18.01 16.71
N PRO C 151 -17.71 18.10 17.39
CA PRO C 151 -18.65 19.18 17.06
C PRO C 151 -18.10 20.55 17.46
N SER C 152 -18.74 21.61 16.96
CA SER C 152 -18.40 22.97 17.34
C SER C 152 -19.23 23.15 18.60
N MET C 153 -18.86 24.09 19.48
CA MET C 153 -19.51 24.31 20.75
C MET C 153 -21.00 24.42 20.59
N TYR C 154 -21.72 23.48 21.20
CA TYR C 154 -23.18 23.38 21.23
C TYR C 154 -23.83 23.09 19.85
N ASN C 155 -23.02 22.82 18.80
CA ASN C 155 -23.56 22.56 17.45
C ASN C 155 -23.84 21.07 17.19
N ASP C 156 -25.12 20.73 17.32
CA ASP C 156 -25.72 19.41 17.16
C ASP C 156 -26.73 19.42 16.01
N PRO C 157 -27.03 18.25 15.40
CA PRO C 157 -28.06 18.21 14.36
C PRO C 157 -29.45 18.44 14.93
N GLN C 158 -30.45 18.69 14.06
CA GLN C 158 -31.84 18.93 14.46
C GLN C 158 -32.45 17.62 14.99
N PHE C 159 -33.42 17.73 15.91
CA PHE C 159 -34.12 16.55 16.38
C PHE C 159 -34.76 15.89 15.18
N GLY C 160 -34.68 14.56 15.12
CA GLY C 160 -35.18 13.79 13.99
C GLY C 160 -34.12 13.42 12.96
N THR C 161 -32.88 13.91 13.16
CA THR C 161 -31.78 13.61 12.26
C THR C 161 -31.28 12.16 12.48
N SER C 162 -31.16 11.40 11.37
CA SER C 162 -30.62 10.05 11.34
C SER C 162 -29.09 10.12 11.56
N CYS C 163 -28.57 9.32 12.48
CA CYS C 163 -27.15 9.24 12.79
C CYS C 163 -26.75 7.75 12.90
N GLU C 164 -25.45 7.45 12.81
CA GLU C 164 -24.97 6.10 12.85
C GLU C 164 -24.29 5.70 14.17
N ILE C 165 -24.56 4.47 14.66
CA ILE C 165 -23.95 3.87 15.86
C ILE C 165 -23.20 2.59 15.43
N THR C 166 -22.10 2.25 16.10
CA THR C 166 -21.27 1.10 15.73
C THR C 166 -20.75 0.40 16.99
N GLY C 167 -20.40 -0.89 16.85
CA GLY C 167 -19.86 -1.66 17.96
C GLY C 167 -19.95 -3.17 17.85
N PHE C 168 -19.34 -3.85 18.84
CA PHE C 168 -19.33 -5.31 18.96
C PHE C 168 -20.35 -5.78 19.99
N GLY C 169 -21.26 -4.91 20.38
CA GLY C 169 -22.29 -5.24 21.35
C GLY C 169 -23.30 -6.26 20.88
N LYS C 170 -23.95 -6.92 21.87
CA LYS C 170 -24.99 -7.95 21.71
C LYS C 170 -26.00 -7.59 20.64
N GLU C 171 -26.48 -8.61 19.89
CA GLU C 171 -27.47 -8.48 18.80
C GLU C 171 -28.86 -8.59 19.35
N ASN C 172 -28.99 -9.16 20.55
CA ASN C 172 -30.25 -9.22 21.30
C ASN C 172 -29.92 -9.05 22.78
N SER C 173 -30.77 -8.35 23.55
CA SER C 173 -30.50 -8.11 25.00
C SER C 173 -30.35 -9.40 25.82
N THR C 174 -31.06 -10.46 25.44
CA THR C 174 -31.05 -11.79 26.10
C THR C 174 -29.87 -12.68 25.71
N ASP C 175 -29.12 -12.29 24.67
CA ASP C 175 -27.98 -13.05 24.16
C ASP C 175 -26.87 -13.19 25.20
N TYR C 176 -26.14 -14.32 25.14
CA TYR C 176 -25.01 -14.61 25.99
C TYR C 176 -23.73 -14.19 25.27
N LEU C 177 -23.62 -14.51 23.98
CA LEU C 177 -22.45 -14.19 23.16
C LEU C 177 -22.58 -12.81 22.47
N TYR C 178 -21.46 -12.30 21.96
CA TYR C 178 -21.34 -11.04 21.23
C TYR C 178 -21.03 -11.36 19.77
N PRO C 179 -21.52 -10.55 18.78
CA PRO C 179 -21.14 -10.81 17.39
C PRO C 179 -19.61 -10.67 17.23
N GLU C 180 -19.03 -11.47 16.35
CA GLU C 180 -17.60 -11.46 16.11
C GLU C 180 -17.23 -10.43 15.03
N GLN C 181 -18.26 -9.94 14.40
CA GLN C 181 -18.15 -8.94 13.32
C GLN C 181 -18.73 -7.58 13.74
N LEU C 182 -17.99 -6.55 13.47
CA LEU C 182 -18.39 -5.15 13.74
C LEU C 182 -19.74 -4.85 13.13
N LYS C 183 -20.62 -4.21 13.83
CA LYS C 183 -21.96 -3.94 13.28
C LYS C 183 -22.27 -2.44 13.35
N MET C 184 -23.09 -1.96 12.45
CA MET C 184 -23.51 -0.54 12.47
C MET C 184 -25.02 -0.49 12.23
N THR C 185 -25.65 0.52 12.74
CA THR C 185 -27.10 0.70 12.56
C THR C 185 -27.40 2.20 12.54
N VAL C 186 -28.64 2.54 12.34
CA VAL C 186 -29.07 3.92 12.22
C VAL C 186 -30.16 4.14 13.24
N VAL C 187 -30.10 5.32 13.86
CA VAL C 187 -30.97 5.72 14.94
C VAL C 187 -31.19 7.26 14.78
N LYS C 188 -32.39 7.77 15.10
CA LYS C 188 -32.76 9.19 14.95
C LYS C 188 -32.70 9.95 16.27
N LEU C 189 -32.34 11.24 16.22
CA LEU C 189 -32.28 12.08 17.42
C LEU C 189 -33.66 12.39 17.97
N ILE C 190 -33.79 12.25 19.28
CA ILE C 190 -35.02 12.47 20.04
C ILE C 190 -34.76 13.70 20.87
N SER C 191 -35.74 14.63 20.91
CA SER C 191 -35.67 15.90 21.63
C SER C 191 -35.80 15.65 23.12
N HIS C 192 -35.30 16.61 23.94
CA HIS C 192 -35.42 16.56 25.38
C HIS C 192 -36.88 16.52 25.83
N ARG C 193 -37.79 17.35 25.24
CA ARG C 193 -39.24 17.30 25.57
C ARG C 193 -39.79 15.86 25.57
N GLU C 194 -39.43 15.09 24.54
CA GLU C 194 -39.84 13.71 24.36
C GLU C 194 -39.13 12.82 25.37
N CYS C 195 -37.78 12.82 25.34
CA CYS C 195 -37.00 12.00 26.24
C CYS C 195 -37.28 12.28 27.71
N GLN C 196 -37.60 13.53 28.06
CA GLN C 196 -37.89 13.87 29.45
C GLN C 196 -39.34 13.58 29.84
N GLN C 197 -40.09 12.81 29.03
CA GLN C 197 -41.46 12.40 29.37
C GLN C 197 -41.41 11.34 30.47
N PRO C 198 -42.41 11.25 31.39
CA PRO C 198 -42.31 10.29 32.50
C PRO C 198 -42.27 8.82 32.06
N HIS C 199 -42.98 8.48 30.97
CA HIS C 199 -42.97 7.11 30.42
C HIS C 199 -41.67 6.83 29.63
N TYR C 200 -40.88 7.88 29.38
CA TYR C 200 -39.57 7.74 28.76
C TYR C 200 -38.60 7.69 29.95
N TYR C 201 -37.72 8.70 30.14
CA TYR C 201 -36.77 8.68 31.28
C TYR C 201 -37.04 9.73 32.37
N GLY C 202 -38.00 10.62 32.13
CA GLY C 202 -38.32 11.68 33.07
C GLY C 202 -37.15 12.63 33.22
N SER C 203 -36.94 13.17 34.44
CA SER C 203 -35.84 14.12 34.72
C SER C 203 -34.46 13.45 34.75
N GLU C 204 -34.38 12.15 34.42
CA GLU C 204 -33.14 11.35 34.38
C GLU C 204 -32.26 11.86 33.26
N VAL C 205 -32.89 12.38 32.18
CA VAL C 205 -32.16 12.92 31.05
C VAL C 205 -31.82 14.40 31.34
N THR C 206 -30.55 14.81 31.10
CA THR C 206 -30.12 16.21 31.24
C THR C 206 -29.83 16.77 29.83
N THR C 207 -29.52 18.08 29.74
CA THR C 207 -29.16 18.76 28.49
C THR C 207 -27.73 18.44 28.08
N LYS C 208 -26.89 17.86 28.98
CA LYS C 208 -25.53 17.37 28.65
C LYS C 208 -25.62 15.90 28.15
N MET C 209 -26.85 15.47 27.76
CA MET C 209 -27.17 14.19 27.16
C MET C 209 -28.08 14.38 25.90
N LEU C 210 -28.09 13.39 24.99
CA LEU C 210 -28.96 13.32 23.79
C LEU C 210 -29.54 11.92 23.70
N CYS C 211 -30.84 11.82 23.42
CA CYS C 211 -31.50 10.56 23.19
C CYS C 211 -31.58 10.28 21.72
N ALA C 212 -31.48 9.00 21.37
CA ALA C 212 -31.57 8.57 19.99
C ALA C 212 -32.19 7.21 20.00
N ALA C 213 -33.09 6.97 19.05
CA ALA C 213 -33.78 5.67 18.95
C ALA C 213 -34.39 5.46 17.58
N ASP C 214 -34.82 4.23 17.31
CA ASP C 214 -35.50 3.88 16.06
C ASP C 214 -36.97 4.29 16.27
N PRO C 215 -37.62 4.97 15.29
CA PRO C 215 -39.03 5.40 15.48
C PRO C 215 -39.95 4.26 15.85
N GLN C 216 -39.67 3.06 15.31
CA GLN C 216 -40.43 1.83 15.52
C GLN C 216 -39.77 0.90 16.54
N TRP C 217 -38.67 1.38 17.19
CA TRP C 217 -37.92 0.66 18.25
C TRP C 217 -37.34 -0.68 17.77
N LYS C 218 -36.88 -0.74 16.53
CA LYS C 218 -36.34 -1.98 15.99
C LYS C 218 -34.81 -2.11 16.14
N THR C 219 -34.12 -0.97 16.19
CA THR C 219 -32.66 -0.96 16.34
C THR C 219 -32.26 -0.14 17.55
N ASP C 220 -31.02 -0.41 18.06
CA ASP C 220 -30.46 0.25 19.22
C ASP C 220 -29.04 -0.26 19.54
N SER C 221 -28.32 0.54 20.34
CA SER C 221 -27.03 0.14 20.88
C SER C 221 -27.41 -0.79 22.03
N CYS C 222 -26.57 -1.74 22.35
CA CYS C 222 -26.84 -2.66 23.44
C CYS C 222 -25.56 -2.92 24.21
N GLN C 223 -25.61 -3.81 25.21
CA GLN C 223 -24.51 -4.15 26.09
C GLN C 223 -23.27 -4.49 25.26
N GLY C 224 -22.18 -3.79 25.53
CA GLY C 224 -20.93 -3.95 24.80
C GLY C 224 -20.69 -2.85 23.79
N ASP C 225 -21.72 -2.00 23.54
CA ASP C 225 -21.61 -0.87 22.60
C ASP C 225 -21.16 0.43 23.29
N SER C 226 -21.15 0.44 24.63
CA SER C 226 -20.69 1.50 25.54
C SER C 226 -19.36 2.06 25.05
N GLY C 227 -19.21 3.39 25.17
CA GLY C 227 -18.00 4.09 24.74
C GLY C 227 -17.89 4.36 23.26
N GLY C 228 -18.76 3.72 22.49
CA GLY C 228 -18.85 3.83 21.03
C GLY C 228 -19.44 5.15 20.57
N PRO C 229 -19.29 5.51 19.27
CA PRO C 229 -19.78 6.83 18.82
C PRO C 229 -21.22 6.91 18.30
N LEU C 230 -21.84 8.06 18.45
CA LEU C 230 -23.09 8.42 17.80
C LEU C 230 -22.56 9.41 16.74
N VAL C 231 -22.50 8.98 15.47
CA VAL C 231 -21.92 9.74 14.35
C VAL C 231 -22.97 10.39 13.48
N CYS C 232 -22.92 11.69 13.35
CA CYS C 232 -23.87 12.50 12.56
C CYS C 232 -23.12 13.24 11.44
N SER C 233 -23.76 13.57 10.32
CA SER C 233 -23.17 14.35 9.24
C SER C 233 -23.69 15.78 9.34
N LEU C 234 -22.77 16.71 9.64
CA LEU C 234 -22.98 18.14 9.84
C LEU C 234 -22.00 18.86 8.95
N GLN C 235 -22.54 19.69 8.03
CA GLN C 235 -21.78 20.41 6.99
C GLN C 235 -20.77 19.53 6.25
N GLY C 236 -21.23 18.33 5.85
CA GLY C 236 -20.41 17.35 5.14
C GLY C 236 -19.28 16.74 5.95
N ARG C 237 -19.37 16.75 7.30
CA ARG C 237 -18.33 16.18 8.16
C ARG C 237 -18.92 15.15 9.12
N MET C 238 -18.32 13.94 9.15
CA MET C 238 -18.75 12.85 10.04
C MET C 238 -18.29 13.26 11.41
N THR C 239 -19.27 13.63 12.25
CA THR C 239 -19.11 14.22 13.58
C THR C 239 -19.45 13.27 14.75
N LEU C 240 -18.64 13.34 15.81
CA LEU C 240 -18.86 12.60 17.05
C LEU C 240 -19.90 13.38 17.88
N THR C 241 -21.19 13.23 17.55
CA THR C 241 -22.25 13.95 18.24
C THR C 241 -22.52 13.34 19.63
N GLY C 242 -22.44 12.01 19.73
CA GLY C 242 -22.68 11.29 20.97
C GLY C 242 -21.73 10.17 21.29
N ILE C 243 -21.74 9.69 22.56
CA ILE C 243 -20.95 8.55 23.06
C ILE C 243 -21.96 7.60 23.76
N VAL C 244 -22.02 6.31 23.36
CA VAL C 244 -22.92 5.31 23.98
C VAL C 244 -22.71 5.29 25.49
N SER C 245 -23.76 5.69 26.22
CA SER C 245 -23.71 5.82 27.68
C SER C 245 -24.65 4.88 28.43
N TRP C 246 -25.97 5.11 28.35
CA TRP C 246 -26.93 4.33 29.14
C TRP C 246 -28.31 4.27 28.50
N GLY C 247 -29.20 3.53 29.16
CA GLY C 247 -30.60 3.31 28.81
C GLY C 247 -31.13 2.13 29.61
N ARG C 248 -32.45 1.92 29.58
CA ARG C 248 -33.05 0.75 30.23
C ARG C 248 -33.28 -0.27 29.11
N GLY C 249 -32.58 -1.41 29.21
CA GLY C 249 -32.62 -2.49 28.23
C GLY C 249 -32.14 -2.02 26.87
N CYS C 250 -32.37 -2.83 25.82
CA CYS C 250 -32.01 -2.47 24.43
C CYS C 250 -33.25 -2.57 23.51
N ALA C 251 -33.45 -1.56 22.64
CA ALA C 251 -34.59 -1.49 21.71
C ALA C 251 -35.97 -1.70 22.40
N LEU C 252 -36.15 -1.16 23.64
CA LEU C 252 -37.44 -1.24 24.36
C LEU C 252 -38.31 -0.04 24.00
N LYS C 253 -39.63 -0.26 23.79
CA LYS C 253 -40.57 0.83 23.51
C LYS C 253 -40.41 1.90 24.58
N ASP C 254 -40.41 3.18 24.17
CA ASP C 254 -40.24 4.38 25.01
C ASP C 254 -38.89 4.47 25.74
N LYS C 255 -37.95 3.53 25.51
CA LYS C 255 -36.65 3.56 26.18
C LYS C 255 -35.50 3.81 25.22
N PRO C 256 -35.31 5.05 24.72
CA PRO C 256 -34.19 5.31 23.81
C PRO C 256 -32.80 5.08 24.40
N GLY C 257 -31.79 5.14 23.56
CA GLY C 257 -30.41 5.04 24.00
C GLY C 257 -29.97 6.44 24.38
N VAL C 258 -29.15 6.59 25.42
CA VAL C 258 -28.72 7.91 25.86
C VAL C 258 -27.23 8.01 25.67
N TYR C 259 -26.83 9.10 25.05
CA TYR C 259 -25.47 9.38 24.62
C TYR C 259 -24.95 10.67 25.27
N THR C 260 -23.62 10.76 25.44
CA THR C 260 -23.04 11.97 26.01
C THR C 260 -23.09 13.07 24.95
N ARG C 261 -23.57 14.27 25.30
CA ARG C 261 -23.68 15.36 24.34
C ARG C 261 -22.31 16.01 24.22
N VAL C 262 -21.45 15.40 23.39
CA VAL C 262 -20.05 15.80 23.12
C VAL C 262 -19.86 17.33 22.97
N SER C 263 -20.77 18.02 22.23
CA SER C 263 -20.73 19.47 22.01
C SER C 263 -20.85 20.31 23.32
N HIS C 264 -21.13 19.66 24.46
CA HIS C 264 -21.25 20.33 25.76
C HIS C 264 -20.09 19.95 26.68
N PHE C 265 -19.03 19.37 26.11
CA PHE C 265 -17.85 18.89 26.84
C PHE C 265 -16.57 19.33 26.16
N LEU C 266 -16.66 20.28 25.19
CA LEU C 266 -15.53 20.82 24.43
C LEU C 266 -14.42 21.40 25.32
N PRO C 267 -14.68 22.29 26.32
CA PRO C 267 -13.58 22.75 27.18
C PRO C 267 -12.96 21.63 28.02
N TRP C 268 -13.79 20.65 28.49
CA TRP C 268 -13.27 19.50 29.23
C TRP C 268 -12.25 18.77 28.38
N ILE C 269 -12.63 18.39 27.12
CA ILE C 269 -11.75 17.73 26.16
C ILE C 269 -10.45 18.53 25.91
N ARG C 270 -10.58 19.82 25.52
CA ARG C 270 -9.45 20.67 25.22
C ARG C 270 -8.46 20.79 26.40
N SER C 271 -9.00 20.91 27.63
CA SER C 271 -8.21 21.03 28.86
C SER C 271 -7.19 19.89 29.07
N HIS C 272 -7.53 18.69 28.55
CA HIS C 272 -6.68 17.51 28.66
C HIS C 272 -5.78 17.27 27.44
N THR C 273 -6.09 17.93 26.31
CA THR C 273 -5.32 17.80 25.07
C THR C 273 -4.56 19.12 24.73
N LYS C 274 -3.73 19.60 25.67
CA LYS C 274 -2.93 20.81 25.54
C LYS C 274 -1.44 20.48 25.52
N PHE D 16 8.03 38.74 -17.71
CA PHE D 16 9.42 38.33 -17.41
C PHE D 16 10.30 38.25 -18.67
N GLN D 17 11.45 38.95 -18.64
CA GLN D 17 12.51 38.91 -19.64
C GLN D 17 13.79 38.48 -18.89
N CYS D 18 14.16 37.19 -18.99
CA CYS D 18 15.29 36.61 -18.26
C CYS D 18 16.59 37.41 -18.36
N GLY D 19 17.33 37.41 -17.24
CA GLY D 19 18.63 38.05 -17.05
C GLY D 19 18.71 39.51 -17.41
N GLN D 20 17.65 40.28 -17.07
CA GLN D 20 17.50 41.70 -17.38
C GLN D 20 18.39 42.61 -16.53
N LYS D 21 19.40 43.23 -17.20
CA LYS D 21 20.39 44.16 -16.64
C LYS D 21 20.27 45.53 -17.32
N ILE D 29 29.93 34.43 1.54
CA ILE D 29 30.83 34.97 0.53
C ILE D 29 32.05 35.58 1.19
N ILE D 30 33.26 35.12 0.81
CA ILE D 30 34.54 35.67 1.29
C ILE D 30 34.78 36.84 0.37
N GLY D 31 35.21 37.98 0.92
CA GLY D 31 35.42 39.18 0.12
C GLY D 31 34.09 39.70 -0.42
N GLY D 32 34.15 40.40 -1.53
CA GLY D 32 32.96 40.95 -2.13
C GLY D 32 32.29 42.04 -1.32
N GLU D 33 31.01 42.31 -1.61
CA GLU D 33 30.26 43.39 -0.97
C GLU D 33 28.83 43.01 -0.67
N PHE D 34 28.18 43.76 0.23
CA PHE D 34 26.75 43.52 0.47
C PHE D 34 26.02 44.06 -0.73
N THR D 35 24.81 43.54 -0.97
CA THR D 35 24.05 43.94 -2.16
C THR D 35 22.57 43.92 -1.86
N THR D 36 21.77 44.49 -2.77
CA THR D 36 20.31 44.41 -2.66
C THR D 36 19.81 43.32 -3.62
N ILE D 37 18.61 42.76 -3.35
CA ILE D 37 18.04 41.75 -4.23
C ILE D 37 17.81 42.31 -5.66
N GLU D 38 17.70 43.65 -5.81
CA GLU D 38 17.55 44.29 -7.13
C GLU D 38 18.76 44.01 -8.02
N ASN D 39 19.93 43.73 -7.40
CA ASN D 39 21.16 43.37 -8.12
C ASN D 39 21.26 41.90 -8.50
N GLN D 40 20.40 41.05 -7.92
CA GLN D 40 20.31 39.60 -8.20
C GLN D 40 18.81 39.22 -8.04
N PRO D 41 17.87 39.78 -8.86
CA PRO D 41 16.42 39.51 -8.64
C PRO D 41 15.95 38.08 -8.89
N TRP D 42 16.85 37.25 -9.38
CA TRP D 42 16.59 35.83 -9.63
C TRP D 42 16.99 34.96 -8.41
N PHE D 43 17.70 35.56 -7.42
CA PHE D 43 18.16 34.86 -6.22
C PHE D 43 17.02 34.40 -5.29
N ALA D 44 17.05 33.07 -4.98
CA ALA D 44 16.10 32.40 -4.10
C ALA D 44 16.81 31.97 -2.83
N ALA D 45 16.20 32.29 -1.68
CA ALA D 45 16.67 31.94 -0.35
C ALA D 45 15.85 30.76 0.09
N ILE D 46 16.50 29.60 0.33
CA ILE D 46 15.83 28.36 0.72
C ILE D 46 16.10 28.08 2.19
N TYR D 47 15.02 27.76 2.95
CA TYR D 47 14.98 27.49 4.40
C TYR D 47 14.30 26.13 4.70
N ARG D 48 14.68 25.47 5.84
CA ARG D 48 14.05 24.21 6.32
C ARG D 48 13.27 24.45 7.60
N ARG D 49 12.03 23.94 7.66
CA ARG D 49 11.12 24.04 8.81
C ARG D 49 11.52 23.12 9.99
N HIS D 50 12.59 22.29 9.80
CA HIS D 50 13.22 21.37 10.76
C HIS D 50 12.35 20.21 11.26
N ARG D 51 12.94 19.35 12.12
CA ARG D 51 12.29 18.19 12.74
C ARG D 51 11.35 18.59 13.91
N GLY D 52 11.01 19.89 13.98
CA GLY D 52 10.10 20.47 14.96
C GLY D 52 10.49 21.85 15.43
N GLY D 53 9.65 22.84 15.12
CA GLY D 53 9.80 24.21 15.58
C GLY D 53 10.45 25.30 14.73
N SER D 54 11.79 25.46 14.87
CA SER D 54 12.60 26.53 14.26
C SER D 54 12.81 26.44 12.74
N VAL D 55 12.90 27.63 12.09
CA VAL D 55 13.16 27.83 10.66
C VAL D 55 14.68 28.13 10.47
N THR D 56 15.35 27.40 9.57
CA THR D 56 16.79 27.62 9.37
C THR D 56 17.14 27.75 7.88
N TYR D 57 18.13 28.57 7.56
CA TYR D 57 18.56 28.77 6.18
C TYR D 57 19.34 27.55 5.72
N VAL D 58 18.82 26.89 4.68
CA VAL D 58 19.42 25.73 4.05
C VAL D 58 20.44 26.24 3.03
N CYS D 59 20.01 26.98 1.96
CA CYS D 59 20.95 27.50 0.95
C CYS D 59 20.31 28.35 -0.18
N GLY D 60 21.14 28.69 -1.16
CA GLY D 60 20.79 29.48 -2.33
C GLY D 60 20.08 28.73 -3.44
N GLY D 61 19.71 29.46 -4.48
CA GLY D 61 19.01 28.98 -5.66
C GLY D 61 18.69 30.11 -6.60
N SER D 62 18.28 29.81 -7.84
CA SER D 62 17.96 30.85 -8.84
C SER D 62 16.62 30.59 -9.54
N LEU D 63 15.79 31.62 -9.72
CA LEU D 63 14.49 31.52 -10.40
C LEU D 63 14.70 31.44 -11.91
N ILE D 64 14.39 30.26 -12.52
CA ILE D 64 14.59 30.02 -13.96
C ILE D 64 13.28 30.20 -14.76
N SER D 65 12.13 30.10 -14.10
CA SER D 65 10.83 30.29 -14.74
C SER D 65 9.86 30.68 -13.63
N PRO D 66 8.61 31.15 -13.88
CA PRO D 66 7.71 31.51 -12.74
C PRO D 66 7.49 30.43 -11.68
N CYS D 67 7.40 29.16 -12.08
CA CYS D 67 7.11 28.02 -11.17
C CYS D 67 8.34 27.22 -10.74
N TRP D 68 9.53 27.53 -11.27
CA TRP D 68 10.71 26.74 -10.96
C TRP D 68 11.92 27.50 -10.44
N VAL D 69 12.53 27.00 -9.35
CA VAL D 69 13.79 27.49 -8.77
C VAL D 69 14.77 26.33 -8.98
N ILE D 70 15.98 26.62 -9.42
CA ILE D 70 17.04 25.62 -9.58
C ILE D 70 18.05 25.81 -8.45
N SER D 71 18.53 24.70 -7.84
CA SER D 71 19.52 24.75 -6.75
C SER D 71 20.50 23.54 -6.89
N ALA D 72 21.17 23.11 -5.76
CA ALA D 72 22.09 21.96 -5.71
C ALA D 72 21.41 20.86 -4.87
N THR D 73 21.48 19.59 -5.30
CA THR D 73 20.85 18.52 -4.51
C THR D 73 21.55 18.28 -3.17
N HIS D 74 22.86 18.58 -3.04
CA HIS D 74 23.56 18.38 -1.75
C HIS D 74 22.90 19.17 -0.61
N CYS D 75 22.18 20.23 -0.95
CA CYS D 75 21.38 21.05 -0.04
C CYS D 75 20.20 20.28 0.56
N PHE D 76 19.65 19.29 -0.18
CA PHE D 76 18.43 18.57 0.20
C PHE D 76 18.57 17.06 0.40
N ILE D 77 19.72 16.46 0.04
CA ILE D 77 19.92 15.01 0.10
C ILE D 77 19.73 14.41 1.54
N ASP D 78 20.09 15.15 2.61
CA ASP D 78 19.89 14.66 3.99
C ASP D 78 18.41 14.84 4.42
N TYR D 79 17.61 15.68 3.73
CA TYR D 79 16.21 15.94 4.11
C TYR D 79 15.28 16.07 2.85
N PRO D 80 14.97 14.96 2.13
CA PRO D 80 14.19 15.11 0.89
C PRO D 80 12.68 15.36 0.99
N LYS D 81 12.12 15.55 2.21
CA LYS D 81 10.68 15.82 2.40
C LYS D 81 10.38 17.31 2.07
N LYS D 82 9.77 17.56 0.88
CA LYS D 82 9.42 18.89 0.34
C LYS D 82 8.60 19.80 1.29
N GLU D 83 7.64 19.21 2.01
CA GLU D 83 6.76 19.89 2.94
C GLU D 83 7.52 20.71 3.99
N ASP D 84 8.78 20.32 4.27
CA ASP D 84 9.66 20.97 5.25
C ASP D 84 10.41 22.20 4.75
N TYR D 85 10.33 22.52 3.45
CA TYR D 85 11.07 23.66 2.89
C TYR D 85 10.23 24.90 2.60
N ILE D 86 10.83 26.07 2.86
CA ILE D 86 10.26 27.40 2.64
C ILE D 86 11.16 28.15 1.62
N VAL D 87 10.56 28.74 0.55
CA VAL D 87 11.28 29.47 -0.50
C VAL D 87 10.88 30.95 -0.57
N TYR D 88 11.88 31.84 -0.56
CA TYR D 88 11.69 33.28 -0.65
C TYR D 88 12.32 33.87 -1.90
N LEU D 89 11.56 34.79 -2.55
CA LEU D 89 12.02 35.59 -3.69
C LEU D 89 11.92 37.05 -3.27
N GLY D 90 12.86 37.85 -3.74
CA GLY D 90 12.92 39.27 -3.41
C GLY D 90 13.34 39.47 -1.97
N ARG D 91 14.26 38.63 -1.50
CA ARG D 91 14.76 38.69 -0.12
C ARG D 91 16.25 39.01 -0.10
N SER D 92 16.58 40.16 0.50
CA SER D 92 17.93 40.72 0.68
C SER D 92 18.47 40.41 2.09
N ARG D 93 17.57 40.07 3.06
CA ARG D 93 17.92 39.80 4.45
C ARG D 93 17.72 38.35 4.91
N LEU D 94 18.61 37.84 5.76
CA LEU D 94 18.57 36.47 6.28
C LEU D 94 17.42 36.22 7.26
N ASN D 95 17.35 36.95 8.39
CA ASN D 95 16.33 36.71 9.41
C ASN D 95 15.35 37.87 9.65
N SER D 96 15.08 38.66 8.58
CA SER D 96 14.16 39.81 8.59
C SER D 96 13.45 39.95 7.25
N ASN D 97 12.36 40.75 7.21
CA ASN D 97 11.57 41.01 6.00
C ASN D 97 12.23 42.07 5.07
N THR D 98 11.87 41.99 3.78
CA THR D 98 12.31 42.85 2.67
C THR D 98 11.02 43.23 1.92
N GLN D 99 10.77 44.54 1.72
CA GLN D 99 9.56 45.03 1.04
C GLN D 99 9.39 44.42 -0.34
N GLY D 100 8.25 43.75 -0.54
CA GLY D 100 7.90 43.09 -1.79
C GLY D 100 8.32 41.64 -1.90
N GLU D 101 8.94 41.08 -0.83
CA GLU D 101 9.36 39.68 -0.78
C GLU D 101 8.16 38.75 -0.94
N MET D 102 8.36 37.63 -1.64
CA MET D 102 7.29 36.65 -1.86
C MET D 102 7.68 35.31 -1.27
N LYS D 103 6.75 34.73 -0.47
CA LYS D 103 6.93 33.44 0.21
C LYS D 103 6.29 32.31 -0.61
N PHE D 104 6.97 31.15 -0.68
CA PHE D 104 6.52 29.97 -1.44
C PHE D 104 6.71 28.65 -0.69
N GLU D 105 5.89 27.65 -1.05
CA GLU D 105 5.95 26.28 -0.55
C GLU D 105 6.59 25.50 -1.69
N VAL D 106 7.26 24.40 -1.39
CA VAL D 106 7.89 23.58 -2.41
C VAL D 106 6.93 22.45 -2.78
N GLU D 107 6.20 22.66 -3.89
CA GLU D 107 5.20 21.77 -4.47
C GLU D 107 5.79 20.46 -5.02
N ASN D 108 7.08 20.46 -5.42
CA ASN D 108 7.79 19.29 -5.97
C ASN D 108 9.32 19.45 -5.84
N LEU D 109 9.95 18.52 -5.13
CA LEU D 109 11.39 18.56 -4.94
C LEU D 109 12.03 17.44 -5.75
N ILE D 110 12.67 17.86 -6.87
CA ILE D 110 13.32 16.98 -7.83
C ILE D 110 14.81 17.00 -7.56
N LEU D 111 15.39 15.83 -7.26
CA LEU D 111 16.82 15.64 -7.01
C LEU D 111 17.40 14.75 -8.11
N HIS D 112 18.64 15.03 -8.50
CA HIS D 112 19.27 14.28 -9.57
C HIS D 112 19.61 12.84 -9.11
N LYS D 113 18.87 11.83 -9.64
CA LYS D 113 19.07 10.40 -9.34
C LYS D 113 20.55 9.96 -9.35
N ASP D 114 21.39 10.60 -10.20
CA ASP D 114 22.82 10.25 -10.33
C ASP D 114 23.73 11.10 -9.47
N TYR D 115 23.16 12.00 -8.62
CA TYR D 115 23.93 12.77 -7.61
C TYR D 115 24.80 11.78 -6.86
N SER D 116 26.04 12.18 -6.60
CA SER D 116 27.04 11.39 -5.90
C SER D 116 27.96 12.32 -5.17
N ALA D 117 28.46 11.92 -4.00
CA ALA D 117 29.40 12.71 -3.19
C ALA D 117 30.29 11.77 -2.39
N ASP D 118 30.65 10.64 -3.01
CA ASP D 118 31.44 9.59 -2.36
C ASP D 118 32.92 10.00 -2.15
N THR D 119 33.43 10.99 -2.93
CA THR D 119 34.78 11.58 -2.77
C THR D 119 34.56 13.10 -2.52
N LEU D 120 35.58 13.96 -2.75
CA LEU D 120 35.51 15.42 -2.56
C LEU D 120 34.40 16.02 -3.45
N ALA D 121 34.48 15.70 -4.76
CA ALA D 121 33.59 16.06 -5.85
C ALA D 121 32.16 15.70 -5.61
N HIS D 122 31.24 16.64 -5.89
CA HIS D 122 29.80 16.43 -5.85
C HIS D 122 29.38 16.30 -7.32
N HIS D 123 29.10 15.07 -7.77
CA HIS D 123 28.70 14.81 -9.16
C HIS D 123 27.19 15.07 -9.33
N ASN D 124 26.75 15.55 -10.53
CA ASN D 124 25.35 15.85 -10.90
C ASN D 124 24.62 16.59 -9.79
N ASP D 125 25.30 17.59 -9.22
CA ASP D 125 24.80 18.35 -8.10
C ASP D 125 23.88 19.46 -8.56
N ILE D 126 22.64 19.07 -8.85
CA ILE D 126 21.60 19.96 -9.35
C ILE D 126 20.24 19.49 -8.85
N ALA D 127 19.34 20.43 -8.54
CA ALA D 127 18.00 20.12 -8.07
C ALA D 127 17.02 21.14 -8.63
N LEU D 128 15.74 20.76 -8.75
CA LEU D 128 14.67 21.60 -9.25
C LEU D 128 13.57 21.69 -8.20
N LEU D 129 13.06 22.90 -7.96
CA LEU D 129 12.02 23.14 -6.95
C LEU D 129 10.81 23.79 -7.57
N LYS D 130 9.69 23.06 -7.62
CA LYS D 130 8.47 23.69 -8.09
C LYS D 130 7.90 24.53 -6.96
N ILE D 131 7.64 25.83 -7.21
CA ILE D 131 7.16 26.81 -6.19
C ILE D 131 5.66 27.13 -6.32
N ARG D 132 4.93 26.91 -5.23
CA ARG D 132 3.49 27.25 -5.11
C ARG D 132 3.40 28.21 -3.91
N SER D 133 2.65 29.28 -4.11
CA SER D 133 2.36 30.26 -3.03
C SER D 133 1.15 29.77 -2.23
N LYS D 134 0.75 30.55 -1.22
CA LYS D 134 -0.41 30.27 -0.33
C LYS D 134 -1.70 30.31 -1.14
N GLU D 135 -1.75 31.21 -2.10
CA GLU D 135 -2.91 31.44 -3.00
C GLU D 135 -2.70 30.69 -4.33
N GLY D 136 -1.88 29.64 -4.31
CA GLY D 136 -1.57 28.69 -5.40
C GLY D 136 -1.02 29.30 -6.67
N ARG D 137 -0.14 30.27 -6.58
CA ARG D 137 0.36 30.92 -7.81
C ARG D 137 1.89 30.89 -7.87
N CYS D 138 2.43 31.04 -9.07
CA CYS D 138 3.90 31.07 -9.29
C CYS D 138 4.39 32.51 -9.13
N ALA D 139 5.69 32.72 -9.09
CA ALA D 139 6.39 34.01 -8.99
C ALA D 139 5.92 35.04 -10.04
N GLN D 140 5.78 36.32 -9.60
CA GLN D 140 5.34 37.45 -10.42
C GLN D 140 6.52 38.39 -10.71
N PRO D 141 6.68 38.92 -11.94
CA PRO D 141 7.79 39.85 -12.18
C PRO D 141 7.66 41.18 -11.44
N SER D 142 8.78 41.65 -10.88
CA SER D 142 8.90 42.88 -10.09
C SER D 142 10.32 43.41 -10.19
N ARG D 143 10.57 44.59 -9.60
CA ARG D 143 11.90 45.19 -9.55
C ARG D 143 12.90 44.31 -8.77
N THR D 144 12.39 43.42 -7.90
CA THR D 144 13.13 42.54 -7.00
C THR D 144 13.00 41.04 -7.31
N ILE D 145 12.11 40.67 -8.26
CA ILE D 145 11.84 39.27 -8.66
C ILE D 145 11.85 39.19 -10.18
N GLN D 146 12.93 38.63 -10.72
CA GLN D 146 13.18 38.45 -12.14
C GLN D 146 13.80 37.06 -12.28
N THR D 147 13.76 36.53 -13.50
CA THR D 147 14.29 35.24 -13.82
C THR D 147 15.71 35.38 -14.39
N ILE D 148 16.47 34.29 -14.33
CA ILE D 148 17.81 34.24 -14.90
C ILE D 148 17.74 33.36 -16.15
N CYS D 149 18.50 33.73 -17.21
CA CYS D 149 18.57 33.00 -18.48
C CYS D 149 19.34 31.72 -18.31
N LEU D 150 18.80 30.63 -18.83
CA LEU D 150 19.47 29.35 -18.90
C LEU D 150 20.41 29.43 -20.11
N PRO D 151 21.62 28.81 -20.10
CA PRO D 151 22.47 28.85 -21.31
C PRO D 151 21.90 27.99 -22.43
N SER D 152 22.34 28.20 -23.67
CA SER D 152 21.94 27.33 -24.78
C SER D 152 22.93 26.17 -24.66
N MET D 153 22.57 25.00 -25.22
CA MET D 153 23.36 23.78 -25.08
C MET D 153 24.84 24.00 -25.32
N TYR D 154 25.63 23.70 -24.26
CA TYR D 154 27.09 23.74 -24.16
C TYR D 154 27.74 25.13 -24.28
N ASN D 155 26.93 26.21 -24.36
CA ASN D 155 27.51 27.54 -24.55
C ASN D 155 27.81 28.29 -23.25
N ASP D 156 29.11 28.36 -22.97
CA ASP D 156 29.73 28.95 -21.78
C ASP D 156 30.65 30.10 -22.15
N PRO D 157 30.95 31.04 -21.20
CA PRO D 157 31.95 32.08 -21.49
C PRO D 157 33.36 31.50 -21.57
N GLN D 158 34.30 32.27 -22.13
CA GLN D 158 35.69 31.87 -22.29
C GLN D 158 36.38 31.76 -20.93
N PHE D 159 37.28 30.78 -20.78
CA PHE D 159 38.04 30.64 -19.54
C PHE D 159 38.79 31.96 -19.27
N GLY D 160 38.56 32.51 -18.08
CA GLY D 160 39.10 33.81 -17.67
C GLY D 160 38.04 34.90 -17.64
N THR D 161 36.78 34.57 -17.96
CA THR D 161 35.68 35.54 -17.91
C THR D 161 35.27 35.76 -16.45
N SER D 162 35.08 37.04 -16.06
CA SER D 162 34.58 37.47 -14.78
C SER D 162 33.06 37.18 -14.73
N CYS D 163 32.62 36.43 -13.71
CA CYS D 163 31.21 36.13 -13.49
C CYS D 163 30.89 36.49 -12.02
N GLU D 164 29.61 36.63 -11.69
CA GLU D 164 29.17 36.99 -10.35
C GLU D 164 28.56 35.81 -9.55
N ILE D 165 28.86 35.72 -8.23
CA ILE D 165 28.27 34.73 -7.31
C ILE D 165 27.60 35.50 -6.19
N THR D 166 26.60 34.89 -5.52
CA THR D 166 25.79 35.56 -4.49
C THR D 166 25.34 34.58 -3.40
N GLY D 167 25.09 35.10 -2.20
CA GLY D 167 24.56 34.28 -1.11
C GLY D 167 24.65 34.81 0.31
N PHE D 168 24.03 34.06 1.25
CA PHE D 168 24.06 34.34 2.69
C PHE D 168 25.16 33.55 3.40
N GLY D 169 26.14 33.10 2.64
CA GLY D 169 27.26 32.31 3.12
C GLY D 169 28.26 33.08 3.95
N LYS D 170 29.04 32.33 4.74
CA LYS D 170 30.07 32.84 5.64
C LYS D 170 31.02 33.77 4.96
N GLU D 171 31.50 34.79 5.72
CA GLU D 171 32.38 35.85 5.22
C GLU D 171 33.84 35.46 5.36
N ASN D 172 34.08 34.45 6.22
CA ASN D 172 35.35 33.76 6.48
C ASN D 172 35.00 32.32 6.86
N SER D 173 35.78 31.34 6.39
CA SER D 173 35.50 29.91 6.66
C SER D 173 35.41 29.52 8.15
N THR D 174 36.10 30.25 9.03
CA THR D 174 36.15 30.00 10.48
C THR D 174 34.99 30.65 11.24
N ASP D 175 34.25 31.54 10.59
CA ASP D 175 33.13 32.24 11.18
C ASP D 175 32.10 31.30 11.79
N TYR D 176 31.55 31.67 12.95
CA TYR D 176 30.45 30.89 13.53
C TYR D 176 29.16 31.35 12.85
N LEU D 177 28.95 32.67 12.76
CA LEU D 177 27.74 33.27 12.19
C LEU D 177 27.76 33.48 10.65
N TYR D 178 26.58 33.78 10.10
CA TYR D 178 26.32 34.05 8.70
C TYR D 178 25.99 35.54 8.57
N PRO D 179 26.38 36.24 7.46
CA PRO D 179 25.98 37.64 7.32
C PRO D 179 24.45 37.74 7.25
N GLU D 180 23.89 38.81 7.81
CA GLU D 180 22.46 39.00 7.81
C GLU D 180 21.99 39.70 6.54
N GLN D 181 22.95 40.18 5.73
CA GLN D 181 22.70 40.87 4.49
C GLN D 181 23.32 40.12 3.33
N LEU D 182 22.51 39.93 2.26
CA LEU D 182 22.91 39.25 1.01
C LEU D 182 24.18 39.89 0.48
N LYS D 183 25.17 39.05 0.10
CA LYS D 183 26.48 39.46 -0.42
C LYS D 183 26.69 38.99 -1.87
N MET D 184 27.56 39.68 -2.60
CA MET D 184 27.92 39.33 -3.95
C MET D 184 29.41 39.58 -4.15
N THR D 185 30.05 38.76 -4.99
CA THR D 185 31.43 38.98 -5.36
C THR D 185 31.60 38.59 -6.84
N VAL D 186 32.84 38.68 -7.33
CA VAL D 186 33.23 38.37 -8.71
C VAL D 186 34.40 37.39 -8.70
N VAL D 187 34.27 36.33 -9.55
CA VAL D 187 35.21 35.23 -9.74
C VAL D 187 35.46 35.04 -11.24
N LYS D 188 36.60 34.48 -11.59
CA LYS D 188 36.96 34.22 -12.98
C LYS D 188 36.94 32.73 -13.26
N LEU D 189 36.41 32.33 -14.42
CA LEU D 189 36.37 30.94 -14.86
C LEU D 189 37.79 30.43 -15.09
N ILE D 190 38.05 29.23 -14.60
CA ILE D 190 39.34 28.59 -14.72
C ILE D 190 39.11 27.39 -15.62
N SER D 191 40.09 27.09 -16.49
CA SER D 191 40.02 25.98 -17.43
C SER D 191 40.10 24.63 -16.73
N HIS D 192 39.59 23.58 -17.38
CA HIS D 192 39.70 22.24 -16.86
C HIS D 192 41.16 21.81 -16.78
N ARG D 193 42.00 22.18 -17.78
CA ARG D 193 43.44 21.87 -17.80
C ARG D 193 44.10 22.30 -16.46
N GLU D 194 43.86 23.56 -16.08
CA GLU D 194 44.35 24.14 -14.84
C GLU D 194 43.66 23.48 -13.67
N CYS D 195 42.30 23.48 -13.63
CA CYS D 195 41.60 22.90 -12.52
C CYS D 195 41.92 21.44 -12.26
N GLN D 196 42.13 20.63 -13.30
CA GLN D 196 42.43 19.21 -13.17
C GLN D 196 43.90 18.92 -12.85
N GLN D 197 44.67 19.95 -12.43
CA GLN D 197 46.07 19.79 -12.04
C GLN D 197 46.11 19.07 -10.70
N PRO D 198 47.18 18.32 -10.36
CA PRO D 198 47.19 17.57 -9.10
C PRO D 198 47.21 18.45 -7.84
N HIS D 199 47.89 19.61 -7.89
CA HIS D 199 47.92 20.54 -6.74
C HIS D 199 46.60 21.32 -6.63
N TYR D 200 45.76 21.21 -7.67
CA TYR D 200 44.42 21.78 -7.66
C TYR D 200 43.49 20.65 -7.23
N TYR D 201 42.59 20.16 -8.11
CA TYR D 201 41.68 19.07 -7.69
C TYR D 201 41.95 17.73 -8.35
N GLY D 202 42.86 17.71 -9.32
CA GLY D 202 43.17 16.50 -10.07
C GLY D 202 41.96 16.08 -10.88
N SER D 203 41.75 14.77 -11.02
CA SER D 203 40.64 14.16 -11.76
C SER D 203 39.28 14.31 -11.04
N GLU D 204 39.24 15.02 -9.89
CA GLU D 204 38.00 15.25 -9.13
C GLU D 204 37.03 16.15 -9.88
N VAL D 205 37.57 17.05 -10.73
CA VAL D 205 36.80 17.97 -11.57
C VAL D 205 36.47 17.26 -12.87
N THR D 206 35.18 17.20 -13.25
CA THR D 206 34.69 16.60 -14.50
C THR D 206 34.29 17.73 -15.50
N THR D 207 33.90 17.37 -16.74
CA THR D 207 33.43 18.27 -17.80
C THR D 207 32.06 18.85 -17.42
N LYS D 208 31.24 18.11 -16.61
CA LYS D 208 29.93 18.59 -16.14
C LYS D 208 30.09 19.52 -14.92
N MET D 209 31.31 20.04 -14.69
CA MET D 209 31.66 20.99 -13.64
C MET D 209 32.53 22.14 -14.22
N LEU D 210 32.48 23.35 -13.59
CA LEU D 210 33.29 24.52 -13.96
C LEU D 210 33.98 25.09 -12.69
N CYS D 211 35.29 25.33 -12.77
CA CYS D 211 36.00 25.96 -11.68
C CYS D 211 36.03 27.45 -11.87
N ALA D 212 35.90 28.17 -10.76
CA ALA D 212 35.96 29.63 -10.74
C ALA D 212 36.64 30.05 -9.45
N ALA D 213 37.44 31.11 -9.54
CA ALA D 213 38.16 31.63 -8.38
C ALA D 213 38.71 33.03 -8.64
N ASP D 214 39.16 33.68 -7.56
CA ASP D 214 39.82 34.97 -7.63
C ASP D 214 41.27 34.68 -8.05
N PRO D 215 41.82 35.37 -9.09
CA PRO D 215 43.22 35.12 -9.48
C PRO D 215 44.21 35.12 -8.33
N GLN D 216 43.99 36.00 -7.32
CA GLN D 216 44.82 36.13 -6.11
C GLN D 216 44.21 35.44 -4.87
N TRP D 217 43.15 34.61 -5.04
CA TRP D 217 42.51 33.81 -3.97
C TRP D 217 41.97 34.62 -2.79
N LYS D 218 41.51 35.86 -3.04
CA LYS D 218 40.98 36.72 -1.98
C LYS D 218 39.46 36.68 -1.87
N THR D 219 38.78 36.19 -2.90
CA THR D 219 37.33 36.16 -2.88
C THR D 219 36.86 34.77 -3.37
N ASP D 220 35.66 34.34 -2.90
CA ASP D 220 35.08 33.03 -3.17
C ASP D 220 33.71 32.86 -2.46
N SER D 221 32.95 31.80 -2.82
CA SER D 221 31.73 31.39 -2.14
C SER D 221 32.21 30.49 -1.01
N CYS D 222 31.39 30.32 0.02
CA CYS D 222 31.74 29.50 1.17
C CYS D 222 30.50 28.75 1.69
N GLN D 223 30.59 28.13 2.88
CA GLN D 223 29.50 27.41 3.54
C GLN D 223 28.26 28.31 3.69
N GLY D 224 27.14 27.84 3.18
CA GLY D 224 25.87 28.57 3.19
C GLY D 224 25.53 29.19 1.86
N ASP D 225 26.52 29.25 0.91
CA ASP D 225 26.36 29.79 -0.46
C ASP D 225 25.92 28.71 -1.48
N SER D 226 25.98 27.42 -1.08
CA SER D 226 25.57 26.20 -1.80
C SER D 226 24.24 26.41 -2.48
N GLY D 227 24.08 25.89 -3.70
CA GLY D 227 22.87 26.05 -4.50
C GLY D 227 22.71 27.40 -5.19
N GLY D 228 23.57 28.35 -4.82
CA GLY D 228 23.53 29.68 -5.38
C GLY D 228 24.02 29.77 -6.81
N PRO D 229 23.82 30.94 -7.49
CA PRO D 229 24.24 31.02 -8.91
C PRO D 229 25.65 31.51 -9.20
N LEU D 230 26.18 31.10 -10.35
CA LEU D 230 27.39 31.60 -10.96
C LEU D 230 26.83 32.30 -12.22
N VAL D 231 26.74 33.61 -12.17
CA VAL D 231 26.09 34.46 -13.18
C VAL D 231 27.10 35.09 -14.15
N CYS D 232 27.00 34.77 -15.41
CA CYS D 232 27.89 35.28 -16.46
C CYS D 232 27.11 36.13 -17.48
N SER D 233 27.72 37.03 -18.15
CA SER D 233 27.06 37.80 -19.19
C SER D 233 27.52 37.28 -20.54
N LEU D 234 26.58 36.75 -21.33
CA LEU D 234 26.78 36.18 -22.68
C LEU D 234 25.74 36.80 -23.58
N GLN D 235 26.18 37.49 -24.64
CA GLN D 235 25.33 38.20 -25.60
C GLN D 235 24.30 39.13 -24.91
N GLY D 236 24.77 39.86 -23.89
CA GLY D 236 23.97 40.78 -23.11
C GLY D 236 22.91 40.10 -22.27
N ARG D 237 23.14 38.84 -21.85
CA ARG D 237 22.17 38.11 -21.02
C ARG D 237 22.81 37.51 -19.79
N MET D 238 22.29 37.88 -18.62
CA MET D 238 22.73 37.37 -17.32
C MET D 238 22.29 35.93 -17.30
N THR D 239 23.28 35.05 -17.41
CA THR D 239 23.15 33.59 -17.58
C THR D 239 23.52 32.80 -16.32
N LEU D 240 22.82 31.68 -16.10
CA LEU D 240 23.10 30.77 -15.02
C LEU D 240 24.10 29.74 -15.54
N THR D 241 25.39 30.14 -15.59
CA THR D 241 26.49 29.30 -16.10
C THR D 241 26.83 28.16 -15.11
N GLY D 242 26.76 28.46 -13.81
CA GLY D 242 27.06 27.49 -12.77
C GLY D 242 26.12 27.56 -11.57
N ILE D 243 26.19 26.53 -10.73
CA ILE D 243 25.48 26.42 -9.46
C ILE D 243 26.53 26.08 -8.39
N VAL D 244 26.64 26.89 -7.30
CA VAL D 244 27.57 26.65 -6.17
C VAL D 244 27.44 25.21 -5.70
N SER D 245 28.51 24.40 -5.86
CA SER D 245 28.51 22.99 -5.52
C SER D 245 29.49 22.58 -4.41
N TRP D 246 30.80 22.64 -4.67
CA TRP D 246 31.80 22.16 -3.70
C TRP D 246 33.16 22.83 -3.90
N GLY D 247 34.14 22.39 -3.13
CA GLY D 247 35.51 22.89 -3.11
C GLY D 247 36.16 22.59 -1.77
N ARG D 248 37.49 22.77 -1.64
CA ARG D 248 38.17 22.55 -0.36
C ARG D 248 38.37 23.88 0.36
N GLY D 249 37.72 24.04 1.53
CA GLY D 249 37.75 25.28 2.28
C GLY D 249 37.14 26.41 1.47
N CYS D 250 37.43 27.67 1.83
CA CYS D 250 36.98 28.85 1.06
C CYS D 250 38.16 29.83 0.89
N ALA D 251 38.41 30.29 -0.35
CA ALA D 251 39.49 31.22 -0.71
C ALA D 251 40.91 30.70 -0.34
N LEU D 252 41.11 29.38 -0.46
CA LEU D 252 42.40 28.71 -0.23
C LEU D 252 43.19 28.71 -1.55
N LYS D 253 44.52 28.95 -1.50
CA LYS D 253 45.35 28.91 -2.71
C LYS D 253 45.16 27.58 -3.43
N ASP D 254 45.14 27.59 -4.78
CA ASP D 254 44.95 26.40 -5.63
C ASP D 254 43.62 25.63 -5.42
N LYS D 255 42.71 26.15 -4.59
CA LYS D 255 41.44 25.49 -4.30
C LYS D 255 40.23 26.31 -4.78
N PRO D 256 39.93 26.31 -6.10
CA PRO D 256 38.78 27.09 -6.59
C PRO D 256 37.41 26.58 -6.15
N GLY D 257 36.38 27.37 -6.40
CA GLY D 257 35.02 26.97 -6.11
C GLY D 257 34.61 26.11 -7.30
N VAL D 258 33.86 25.03 -7.06
CA VAL D 258 33.43 24.16 -8.16
C VAL D 258 31.92 24.25 -8.29
N TYR D 259 31.48 24.44 -9.53
CA TYR D 259 30.10 24.73 -9.89
C TYR D 259 29.53 23.70 -10.87
N THR D 260 28.20 23.46 -10.78
CA THR D 260 27.58 22.55 -11.73
C THR D 260 27.51 23.25 -13.07
N ARG D 261 28.00 22.61 -14.15
CA ARG D 261 28.06 23.21 -15.48
C ARG D 261 26.69 23.03 -16.14
N VAL D 262 25.78 23.97 -15.87
CA VAL D 262 24.37 24.01 -16.32
C VAL D 262 24.21 23.75 -17.82
N SER D 263 25.07 24.31 -18.70
CA SER D 263 25.00 24.09 -20.15
C SER D 263 25.08 22.56 -20.56
N HIS D 264 25.48 21.69 -19.60
CA HIS D 264 25.61 20.24 -19.80
C HIS D 264 24.48 19.45 -19.10
N PHE D 265 23.45 20.16 -18.58
CA PHE D 265 22.29 19.59 -17.85
C PHE D 265 20.93 20.02 -18.41
N LEU D 266 20.94 20.63 -19.60
CA LEU D 266 19.78 21.15 -20.33
C LEU D 266 18.70 20.10 -20.59
N PRO D 267 18.97 18.88 -21.14
CA PRO D 267 17.86 17.90 -21.30
C PRO D 267 17.23 17.42 -19.99
N TRP D 268 18.06 17.29 -18.93
CA TRP D 268 17.60 16.90 -17.60
C TRP D 268 16.62 17.94 -17.07
N ILE D 269 16.96 19.27 -17.16
CA ILE D 269 16.07 20.36 -16.71
C ILE D 269 14.77 20.31 -17.51
N ARG D 270 14.91 20.27 -18.86
CA ARG D 270 13.82 20.22 -19.82
C ARG D 270 12.84 19.08 -19.50
N SER D 271 13.36 17.82 -19.29
CA SER D 271 12.54 16.62 -19.00
C SER D 271 11.65 16.73 -17.77
N HIS D 272 12.07 17.55 -16.78
CA HIS D 272 11.35 17.76 -15.53
C HIS D 272 10.35 18.92 -15.53
N THR D 273 10.53 19.89 -16.43
CA THR D 273 9.68 21.10 -16.53
C THR D 273 8.71 21.08 -17.72
#